data_6JL2
#
_entry.id   6JL2
#
_cell.length_a   167.946
_cell.length_b   64.551
_cell.length_c   160.649
_cell.angle_alpha   90.00
_cell.angle_beta   116.55
_cell.angle_gamma   90.00
#
_symmetry.space_group_name_H-M   'C 1 2 1'
#
loop_
_entity.id
_entity.type
_entity.pdbx_description
1 polymer 'Thermolabile hemolysin'
2 non-polymer 'HEXAETHYLENE GLYCOL'
3 non-polymer 3-PYRIDINIUM-1-YLPROPANE-1-SULFONATE
4 water water
#
_entity_poly.entity_id   1
_entity_poly.type   'polypeptide(L)'
_entity_poly.pdbx_seq_one_letter_code
;MGKKITILLGALLPFTSAVADEPALSPEAITSAQVFSTQSKETYTYVRCWYRTGNSHDESATDWEWAENPDGSYFTIDGY
WWSSVRLKNMFYTNTSQNVIKQRCEETLGVTHDAADITYFAADNRWSYNHTIWTNDPVMQADQINKIVAFGDSLSDTGNI
FNAAQWRFPNPDTWFLGHFSNGFVWTEYIAQAKKLPLYNWAVGGAAGSNQYVALTGVKDQVLSYLTYAKMAKNYKPENTL
FTLEFGLNDFMNYNREVVDVKTDFSTALIKLTDAGAKNIMLMTLPDATKAPQFKYSTQAEIEKVRAKIVEFNEFIKAQAA
FYIIQGYNITLYDTHGLFEQLTQNPQQHGFVNASDACLNINRASSADYLYSHSLTNECATHSSDKYVFWNVTHPTTAVHK
YIAEKMLAPGAGMQRFNFHHHHHH
;
_entity_poly.pdbx_strand_id   A,B,C
#
loop_
_chem_comp.id
_chem_comp.type
_chem_comp.name
_chem_comp.formula
1PS non-polymer 3-PYRIDINIUM-1-YLPROPANE-1-SULFONATE 'C8 H11 N O3 S'
P6G non-polymer 'HEXAETHYLENE GLYCOL' 'C12 H26 O7'
#
# COMPACT_ATOMS: atom_id res chain seq x y z
N ALA A 24 24.59 27.89 -10.22
CA ALA A 24 24.75 26.46 -9.98
C ALA A 24 25.30 26.11 -8.57
N LEU A 25 24.78 26.79 -7.51
CA LEU A 25 25.23 26.56 -6.14
C LEU A 25 24.79 25.17 -5.59
N SER A 26 25.82 24.51 -5.09
CA SER A 26 25.98 23.17 -4.55
C SER A 26 26.28 23.28 -3.05
N PRO A 27 25.47 22.68 -2.16
CA PRO A 27 25.74 22.79 -0.72
C PRO A 27 27.07 22.17 -0.27
N GLU A 28 27.53 21.08 -0.93
CA GLU A 28 28.75 20.38 -0.53
C GLU A 28 30.04 21.19 -0.81
N ALA A 29 29.93 22.24 -1.66
CA ALA A 29 31.03 23.14 -2.02
C ALA A 29 31.22 24.24 -0.94
N ILE A 30 30.16 24.54 -0.15
CA ILE A 30 30.20 25.58 0.89
C ILE A 30 31.17 25.20 2.00
N THR A 31 32.13 26.08 2.30
CA THR A 31 33.17 25.83 3.29
C THR A 31 32.79 26.34 4.69
N SER A 32 33.46 25.80 5.72
CA SER A 32 33.28 26.22 7.11
C SER A 32 33.70 27.70 7.27
N ALA A 33 34.64 28.18 6.42
CA ALA A 33 35.12 29.57 6.39
C ALA A 33 34.00 30.49 5.85
N GLN A 34 33.31 30.07 4.76
CA GLN A 34 32.14 30.82 4.23
C GLN A 34 31.01 30.85 5.28
N VAL A 35 30.78 29.69 5.94
CA VAL A 35 29.77 29.56 7.02
C VAL A 35 30.08 30.56 8.16
N PHE A 36 31.32 30.54 8.68
CA PHE A 36 31.75 31.46 9.73
C PHE A 36 31.65 32.93 9.32
N SER A 37 32.12 33.28 8.11
CA SER A 37 32.09 34.66 7.58
C SER A 37 30.63 35.21 7.46
N THR A 38 29.72 34.39 6.93
CA THR A 38 28.28 34.73 6.81
C THR A 38 27.64 35.01 8.20
N GLN A 39 27.83 34.09 9.13
CA GLN A 39 27.28 34.15 10.48
C GLN A 39 27.85 35.26 11.34
N SER A 40 29.09 35.66 11.07
CA SER A 40 29.76 36.69 11.86
C SER A 40 29.32 38.11 11.54
N LYS A 41 28.65 38.31 10.39
CA LYS A 41 28.15 39.62 9.96
C LYS A 41 26.83 39.93 10.68
N GLU A 42 26.91 40.07 12.01
CA GLU A 42 25.75 40.34 12.84
C GLU A 42 25.28 41.76 12.70
N THR A 43 24.01 41.93 12.39
CA THR A 43 23.35 43.21 12.20
C THR A 43 21.91 43.11 12.76
N TYR A 44 21.03 44.02 12.35
CA TYR A 44 19.63 43.99 12.76
C TYR A 44 18.82 44.40 11.54
N THR A 45 17.52 44.10 11.56
CA THR A 45 16.59 44.45 10.51
C THR A 45 15.25 44.75 11.15
N TYR A 46 14.30 45.24 10.36
CA TYR A 46 12.95 45.56 10.79
C TYR A 46 12.00 44.48 10.31
N VAL A 47 10.76 44.48 10.86
CA VAL A 47 9.77 43.48 10.49
C VAL A 47 8.57 44.15 9.83
N ARG A 48 8.25 43.70 8.60
CA ARG A 48 7.11 44.17 7.82
C ARG A 48 5.93 43.20 8.11
N CYS A 49 4.86 43.72 8.68
CA CYS A 49 3.66 42.96 9.06
C CYS A 49 2.56 43.16 8.03
N TRP A 50 2.25 42.12 7.23
CA TRP A 50 1.19 42.20 6.23
C TRP A 50 -0.14 41.70 6.78
N TYR A 51 -1.26 42.21 6.24
CA TYR A 51 -2.59 41.75 6.65
C TYR A 51 -3.60 42.00 5.54
N ARG A 52 -4.65 41.17 5.50
CA ARG A 52 -5.76 41.35 4.58
C ARG A 52 -6.60 42.54 5.09
N THR A 53 -6.78 43.58 4.25
CA THR A 53 -7.51 44.80 4.63
C THR A 53 -9.01 44.56 4.76
N GLY A 54 -9.58 43.74 3.89
CA GLY A 54 -11.00 43.39 3.94
C GLY A 54 -11.34 42.36 5.01
N ASN A 55 -12.60 42.22 5.34
CA ASN A 55 -13.08 41.33 6.40
C ASN A 55 -13.36 39.90 5.93
N SER A 56 -13.21 39.58 4.61
CA SER A 56 -13.46 38.22 4.14
C SER A 56 -12.47 37.75 3.10
N HIS A 57 -12.52 36.43 2.79
CA HIS A 57 -11.67 35.77 1.80
C HIS A 57 -12.00 36.22 0.37
N ASP A 58 -13.14 36.91 0.19
CA ASP A 58 -13.57 37.48 -1.10
C ASP A 58 -12.62 38.59 -1.55
N GLU A 59 -11.98 39.28 -0.60
CA GLU A 59 -11.09 40.43 -0.90
C GLU A 59 -9.63 40.10 -0.61
N SER A 60 -8.83 39.86 -1.66
CA SER A 60 -7.43 39.47 -1.45
C SER A 60 -6.47 40.60 -1.09
N ALA A 61 -6.87 41.88 -1.28
CA ALA A 61 -6.02 43.06 -1.03
C ALA A 61 -5.39 43.07 0.37
N THR A 62 -4.08 43.41 0.40
CA THR A 62 -3.30 43.43 1.62
C THR A 62 -2.59 44.76 1.78
N ASP A 63 -2.19 45.07 2.99
CA ASP A 63 -1.37 46.23 3.30
C ASP A 63 -0.45 45.82 4.44
N TRP A 64 0.48 46.69 4.83
CA TRP A 64 1.45 46.36 5.84
C TRP A 64 1.76 47.53 6.72
N GLU A 65 2.36 47.25 7.88
CA GLU A 65 2.93 48.25 8.81
C GLU A 65 4.19 47.67 9.39
N TRP A 66 5.10 48.53 9.86
CA TRP A 66 6.31 48.06 10.53
C TRP A 66 5.92 47.54 11.92
N ALA A 67 6.49 46.42 12.34
CA ALA A 67 6.25 45.88 13.68
C ALA A 67 6.78 46.89 14.70
N GLU A 68 6.10 47.02 15.85
CA GLU A 68 6.52 47.93 16.91
C GLU A 68 6.64 47.21 18.25
N ASN A 69 7.31 47.84 19.19
CA ASN A 69 7.36 47.37 20.57
C ASN A 69 6.12 47.95 21.27
N PRO A 70 5.70 47.42 22.45
CA PRO A 70 4.54 47.99 23.14
C PRO A 70 4.53 49.52 23.29
N ASP A 71 5.72 50.14 23.44
CA ASP A 71 5.91 51.58 23.63
C ASP A 71 5.78 52.41 22.33
N GLY A 72 5.70 51.73 21.19
CA GLY A 72 5.55 52.44 19.93
C GLY A 72 6.83 52.60 19.13
N SER A 73 7.99 52.28 19.73
CA SER A 73 9.27 52.32 19.01
C SER A 73 9.27 51.12 18.03
N TYR A 74 10.06 51.21 16.97
CA TYR A 74 10.12 50.14 15.96
C TYR A 74 10.72 48.89 16.51
N PHE A 75 10.16 47.75 16.15
CA PHE A 75 10.65 46.45 16.60
C PHE A 75 11.73 45.95 15.66
N THR A 76 12.90 45.64 16.22
CA THR A 76 14.02 45.11 15.42
C THR A 76 14.35 43.70 15.88
N ILE A 77 15.03 42.95 15.02
CA ILE A 77 15.52 41.60 15.29
C ILE A 77 17.00 41.57 14.94
N ASP A 78 17.81 40.90 15.76
CA ASP A 78 19.25 40.77 15.50
C ASP A 78 19.52 39.50 14.70
N GLY A 79 20.56 39.52 13.88
CA GLY A 79 20.94 38.35 13.10
C GLY A 79 21.81 38.69 11.92
N TYR A 80 21.87 37.77 10.95
CA TYR A 80 22.66 37.94 9.74
C TYR A 80 21.87 37.52 8.52
N TRP A 81 22.29 38.02 7.35
CA TRP A 81 21.71 37.71 6.05
C TRP A 81 22.53 36.62 5.33
N TRP A 82 21.88 35.93 4.37
CA TRP A 82 22.54 35.11 3.37
C TRP A 82 21.63 34.86 2.18
N SER A 83 22.23 34.90 0.97
CA SER A 83 21.55 34.77 -0.30
C SER A 83 22.22 33.84 -1.34
N SER A 84 23.39 34.27 -1.90
CA SER A 84 24.19 33.79 -3.04
C SER A 84 23.87 34.72 -4.25
N VAL A 85 23.04 35.75 -3.95
CA VAL A 85 22.57 36.86 -4.80
C VAL A 85 22.58 38.04 -3.77
N ARG A 86 21.40 38.65 -3.49
CA ARG A 86 21.15 39.71 -2.51
C ARG A 86 19.65 40.02 -2.41
N LEU A 87 18.90 39.80 -3.51
CA LEU A 87 17.46 40.05 -3.59
C LEU A 87 16.62 38.85 -3.07
N LYS A 88 17.22 37.62 -3.04
CA LYS A 88 16.58 36.38 -2.54
C LYS A 88 17.15 35.97 -1.14
N ASN A 89 17.51 36.97 -0.40
CA ASN A 89 18.14 36.93 0.89
C ASN A 89 17.24 36.41 2.00
N MET A 90 17.80 35.62 2.91
CA MET A 90 17.09 35.14 4.08
C MET A 90 17.77 35.76 5.31
N PHE A 91 16.98 36.17 6.30
CA PHE A 91 17.52 36.71 7.57
C PHE A 91 17.46 35.61 8.63
N TYR A 92 18.58 35.32 9.28
CA TYR A 92 18.66 34.27 10.31
C TYR A 92 18.76 34.95 11.66
N THR A 93 17.78 34.70 12.54
CA THR A 93 17.72 35.29 13.88
C THR A 93 17.54 34.22 14.97
N ASN A 94 17.77 34.58 16.25
CA ASN A 94 17.51 33.72 17.40
C ASN A 94 16.12 34.03 17.95
N THR A 95 15.51 35.18 17.54
CA THR A 95 14.16 35.55 17.98
C THR A 95 13.18 34.53 17.42
N SER A 96 12.29 34.05 18.30
CA SER A 96 11.29 33.06 17.88
C SER A 96 10.23 33.69 16.96
N GLN A 97 9.64 32.86 16.12
CA GLN A 97 8.53 33.20 15.21
C GLN A 97 7.32 33.69 16.02
N ASN A 98 7.11 33.12 17.22
CA ASN A 98 6.02 33.45 18.16
C ASN A 98 6.13 34.89 18.58
N VAL A 99 7.34 35.32 18.99
CA VAL A 99 7.62 36.69 19.40
C VAL A 99 7.39 37.66 18.24
N ILE A 100 7.89 37.33 17.03
CA ILE A 100 7.72 38.17 15.83
C ILE A 100 6.21 38.35 15.52
N LYS A 101 5.47 37.22 15.45
CA LYS A 101 4.01 37.19 15.17
C LYS A 101 3.24 38.03 16.22
N GLN A 102 3.58 37.87 17.50
CA GLN A 102 2.96 38.61 18.60
C GLN A 102 3.13 40.12 18.40
N ARG A 103 4.36 40.56 18.01
CA ARG A 103 4.67 41.99 17.72
C ARG A 103 3.83 42.52 16.59
N CYS A 104 3.70 41.75 15.49
CA CYS A 104 2.82 42.07 14.35
C CYS A 104 1.34 42.16 14.77
N GLU A 105 0.86 41.13 15.50
CA GLU A 105 -0.52 41.07 15.98
C GLU A 105 -0.86 42.23 16.88
N GLU A 106 0.06 42.59 17.79
CA GLU A 106 -0.16 43.69 18.75
C GLU A 106 -0.01 45.06 18.12
N THR A 107 0.79 45.18 17.06
CA THR A 107 0.99 46.45 16.36
C THR A 107 -0.20 46.75 15.47
N LEU A 108 -0.64 45.77 14.65
CA LEU A 108 -1.73 45.99 13.69
C LEU A 108 -3.08 46.32 14.35
N GLY A 109 -3.40 45.63 15.45
CA GLY A 109 -4.65 45.84 16.19
C GLY A 109 -5.88 45.49 15.37
N VAL A 110 -5.69 44.65 14.33
CA VAL A 110 -6.80 44.22 13.46
C VAL A 110 -7.55 43.09 14.14
N THR A 111 -8.88 43.13 14.10
CA THR A 111 -9.68 42.17 14.85
C THR A 111 -10.45 41.14 13.99
N HIS A 112 -10.43 41.25 12.65
CA HIS A 112 -11.20 40.32 11.82
C HIS A 112 -10.43 39.01 11.65
N ASP A 113 -11.14 37.88 11.71
CA ASP A 113 -10.57 36.54 11.55
C ASP A 113 -9.78 36.38 10.25
N ALA A 114 -10.19 37.06 9.16
CA ALA A 114 -9.51 36.96 7.88
C ALA A 114 -8.27 37.89 7.73
N ALA A 115 -7.81 38.56 8.82
CA ALA A 115 -6.64 39.44 8.77
C ALA A 115 -5.44 38.68 8.23
N ASP A 116 -5.37 37.35 8.46
CA ASP A 116 -4.36 36.47 7.85
C ASP A 116 -2.98 37.12 7.79
N ILE A 117 -2.46 37.50 8.95
CA ILE A 117 -1.17 38.16 9.13
C ILE A 117 -0.01 37.28 8.70
N THR A 118 0.90 37.86 7.90
CA THR A 118 2.18 37.27 7.50
C THR A 118 3.25 38.33 7.74
N TYR A 119 4.53 37.93 7.89
CA TYR A 119 5.59 38.89 8.21
C TYR A 119 6.91 38.52 7.57
N PHE A 120 7.75 39.56 7.35
CA PHE A 120 9.02 39.40 6.68
C PHE A 120 10.05 40.37 7.23
N ALA A 121 11.34 40.09 6.98
CA ALA A 121 12.43 40.99 7.31
C ALA A 121 12.53 41.95 6.15
N ALA A 122 12.75 43.23 6.46
CA ALA A 122 12.91 44.32 5.48
C ALA A 122 13.62 45.46 6.17
N ASP A 123 14.60 46.06 5.49
CA ASP A 123 15.36 47.18 6.04
C ASP A 123 14.64 48.49 5.78
N ASN A 124 13.93 48.57 4.65
CA ASN A 124 13.30 49.78 4.09
C ASN A 124 11.98 49.48 3.42
N ARG A 125 11.24 50.53 3.02
CA ARG A 125 9.95 50.34 2.30
C ARG A 125 10.13 49.74 0.90
N TRP A 126 11.29 49.96 0.25
CA TRP A 126 11.55 49.39 -1.08
C TRP A 126 12.09 47.99 -1.01
N SER A 127 12.41 47.46 0.18
CA SER A 127 12.93 46.09 0.26
C SER A 127 11.87 45.06 -0.14
N TYR A 128 12.32 43.91 -0.63
CA TYR A 128 11.49 42.79 -0.97
C TYR A 128 11.04 42.10 0.34
N ASN A 129 10.21 41.07 0.24
CA ASN A 129 9.73 40.35 1.41
C ASN A 129 10.73 39.22 1.70
N HIS A 130 11.59 39.41 2.71
CA HIS A 130 12.59 38.39 3.08
C HIS A 130 12.12 37.50 4.20
N THR A 131 12.26 36.18 3.99
CA THR A 131 11.91 35.17 4.98
C THR A 131 12.84 35.32 6.18
N ILE A 132 12.26 35.26 7.38
CA ILE A 132 12.97 35.27 8.65
C ILE A 132 13.05 33.81 9.11
N TRP A 133 14.27 33.30 9.29
CA TRP A 133 14.53 31.96 9.75
C TRP A 133 14.96 32.05 11.22
N THR A 134 14.28 31.30 12.10
CA THR A 134 14.68 31.25 13.51
C THR A 134 15.68 30.12 13.64
N ASN A 135 16.91 30.45 13.98
CA ASN A 135 17.96 29.47 14.18
C ASN A 135 17.59 28.60 15.39
N ASP A 136 17.84 27.30 15.27
CA ASP A 136 17.54 26.32 16.29
C ASP A 136 18.52 26.46 17.46
N PRO A 137 18.10 26.14 18.70
CA PRO A 137 19.04 26.21 19.83
C PRO A 137 19.99 25.00 19.83
N VAL A 138 21.03 25.05 20.67
CA VAL A 138 21.96 23.92 20.86
C VAL A 138 21.20 22.81 21.62
N MET A 139 20.47 23.17 22.70
CA MET A 139 19.65 22.26 23.52
C MET A 139 18.34 22.12 22.75
N GLN A 140 18.32 21.15 21.83
CA GLN A 140 17.24 20.93 20.88
C GLN A 140 16.55 19.59 21.10
N ALA A 141 15.24 19.61 21.42
CA ALA A 141 14.46 18.39 21.63
C ALA A 141 14.41 17.54 20.33
N ASP A 142 14.31 16.22 20.49
CA ASP A 142 14.24 15.32 19.34
C ASP A 142 12.81 15.25 18.80
N GLN A 143 12.42 16.23 18.01
CA GLN A 143 11.07 16.29 17.44
C GLN A 143 11.03 17.32 16.33
N ILE A 144 9.96 17.31 15.53
CA ILE A 144 9.75 18.25 14.41
C ILE A 144 9.67 19.68 14.98
N ASN A 145 10.52 20.60 14.48
CA ASN A 145 10.53 22.00 14.92
C ASN A 145 10.32 22.98 13.75
N LYS A 146 10.09 22.48 12.54
CA LYS A 146 9.82 23.34 11.37
C LYS A 146 9.29 22.52 10.19
N ILE A 147 8.63 23.20 9.27
CA ILE A 147 8.09 22.59 8.05
C ILE A 147 8.79 23.30 6.90
N VAL A 148 9.31 22.52 5.95
CA VAL A 148 9.97 23.03 4.75
C VAL A 148 9.20 22.49 3.57
N ALA A 149 8.71 23.41 2.72
CA ALA A 149 7.89 23.08 1.57
C ALA A 149 8.59 23.19 0.24
N PHE A 150 8.42 22.17 -0.60
CA PHE A 150 8.90 22.11 -1.98
C PHE A 150 7.69 21.94 -2.89
N GLY A 151 7.72 22.55 -4.05
CA GLY A 151 6.53 22.46 -4.89
C GLY A 151 6.34 23.54 -5.92
N ASP A 152 5.11 23.73 -6.29
CA ASP A 152 4.76 24.66 -7.36
C ASP A 152 3.72 25.69 -6.90
N SER A 153 2.82 26.14 -7.78
CA SER A 153 1.81 27.17 -7.45
C SER A 153 0.79 26.72 -6.40
N LEU A 154 0.70 25.41 -6.12
CA LEU A 154 -0.20 24.93 -5.08
C LEU A 154 0.38 25.11 -3.68
N SER A 155 1.69 25.40 -3.58
CA SER A 155 2.36 25.61 -2.31
C SER A 155 3.06 26.97 -2.21
N ASP A 156 3.40 27.61 -3.34
CA ASP A 156 4.17 28.86 -3.28
C ASP A 156 3.47 29.99 -2.49
N THR A 157 4.16 30.54 -1.50
CA THR A 157 3.66 31.62 -0.62
C THR A 157 4.34 32.99 -0.91
N GLY A 158 5.24 33.08 -1.90
CA GLY A 158 5.88 34.35 -2.20
C GLY A 158 7.16 34.38 -3.01
N ASN A 159 7.67 33.23 -3.49
CA ASN A 159 8.93 33.19 -4.25
C ASN A 159 8.81 33.76 -5.64
N ILE A 160 7.84 33.31 -6.44
CA ILE A 160 7.67 33.90 -7.78
C ILE A 160 7.21 35.39 -7.66
N PHE A 161 6.41 35.73 -6.62
CA PHE A 161 5.91 37.10 -6.35
C PHE A 161 7.07 38.08 -6.17
N ASN A 162 8.08 37.69 -5.36
CA ASN A 162 9.31 38.48 -5.14
C ASN A 162 10.07 38.59 -6.45
N ALA A 163 10.17 37.48 -7.22
CA ALA A 163 10.92 37.47 -8.52
C ALA A 163 10.22 38.31 -9.59
N ALA A 164 8.89 38.45 -9.49
CA ALA A 164 8.01 39.21 -10.40
C ALA A 164 7.84 40.65 -9.92
N GLN A 165 8.64 41.06 -8.93
CA GLN A 165 8.60 42.41 -8.34
C GLN A 165 7.22 42.78 -7.80
N TRP A 166 6.54 41.79 -7.12
CA TRP A 166 5.20 41.93 -6.52
C TRP A 166 4.07 42.17 -7.55
N ARG A 167 4.27 41.72 -8.79
CA ARG A 167 3.26 41.92 -9.82
C ARG A 167 2.53 40.65 -10.21
N PHE A 168 3.17 39.51 -10.03
CA PHE A 168 2.61 38.23 -10.43
C PHE A 168 2.72 37.22 -9.25
N PRO A 169 1.60 36.69 -8.73
CA PRO A 169 0.19 36.99 -9.10
C PRO A 169 -0.24 38.36 -8.57
N ASN A 170 -1.13 39.01 -9.28
CA ASN A 170 -1.60 40.36 -8.96
C ASN A 170 -2.07 40.49 -7.49
N PRO A 171 -1.47 41.39 -6.66
CA PRO A 171 -1.84 41.46 -5.24
C PRO A 171 -3.22 42.06 -4.90
N ASP A 172 -4.07 42.33 -5.89
CA ASP A 172 -5.40 42.85 -5.58
C ASP A 172 -6.42 41.70 -5.65
N THR A 173 -6.12 40.69 -6.49
CA THR A 173 -6.98 39.54 -6.78
C THR A 173 -6.44 38.28 -6.13
N TRP A 174 -5.11 38.18 -6.00
CA TRP A 174 -4.46 37.03 -5.40
C TRP A 174 -3.80 37.48 -4.10
N PHE A 175 -3.99 36.68 -3.05
CA PHE A 175 -3.49 36.99 -1.70
C PHE A 175 -1.97 37.01 -1.60
N LEU A 176 -1.35 38.21 -1.58
CA LEU A 176 0.10 38.45 -1.45
C LEU A 176 1.03 37.28 -1.89
N GLY A 177 1.20 37.08 -3.18
CA GLY A 177 2.08 36.04 -3.69
C GLY A 177 1.57 34.62 -3.62
N HIS A 178 0.36 34.42 -3.12
CA HIS A 178 -0.25 33.09 -3.05
C HIS A 178 -1.15 32.94 -4.24
N PHE A 179 -1.22 31.72 -4.82
CA PHE A 179 -2.07 31.42 -5.95
C PHE A 179 -3.44 30.94 -5.43
N SER A 180 -4.04 31.78 -4.57
CA SER A 180 -5.37 31.62 -4.00
C SER A 180 -5.78 32.96 -3.43
N ASN A 181 -6.96 33.03 -2.80
CA ASN A 181 -7.51 34.22 -2.14
C ASN A 181 -7.18 34.23 -0.64
N GLY A 182 -6.29 33.35 -0.23
CA GLY A 182 -5.85 33.27 1.16
C GLY A 182 -4.70 32.30 1.29
N PHE A 183 -4.53 31.76 2.53
CA PHE A 183 -3.48 30.79 2.83
C PHE A 183 -3.62 29.49 1.99
N VAL A 184 -2.50 28.81 1.81
CA VAL A 184 -2.42 27.52 1.11
C VAL A 184 -2.33 26.41 2.15
N TRP A 185 -2.53 25.15 1.72
CA TRP A 185 -2.59 23.95 2.56
C TRP A 185 -1.42 23.83 3.54
N THR A 186 -0.20 24.18 3.13
CA THR A 186 1.03 24.10 3.96
C THR A 186 0.96 25.05 5.15
N GLU A 187 0.46 26.29 4.92
CA GLU A 187 0.27 27.29 5.96
C GLU A 187 -0.78 26.85 6.95
N TYR A 188 -1.86 26.21 6.48
CA TYR A 188 -2.89 25.68 7.40
C TYR A 188 -2.35 24.55 8.29
N ILE A 189 -1.49 23.68 7.75
CA ILE A 189 -0.83 22.61 8.50
C ILE A 189 0.18 23.19 9.51
N ALA A 190 1.00 24.18 9.09
CA ALA A 190 1.94 24.86 9.97
C ALA A 190 1.23 25.56 11.12
N GLN A 191 0.11 26.26 10.84
CA GLN A 191 -0.72 26.93 11.87
C GLN A 191 -1.31 25.90 12.83
N ALA A 192 -1.84 24.76 12.30
CA ALA A 192 -2.44 23.75 13.16
C ALA A 192 -1.39 23.11 14.09
N LYS A 193 -0.17 22.96 13.60
CA LYS A 193 0.94 22.38 14.36
C LYS A 193 1.74 23.39 15.15
N LYS A 194 1.45 24.70 14.97
CA LYS A 194 2.16 25.80 15.65
C LYS A 194 3.65 25.77 15.29
N LEU A 195 3.97 25.50 14.02
CA LEU A 195 5.35 25.44 13.57
C LEU A 195 5.69 26.45 12.50
N PRO A 196 6.95 26.97 12.42
CA PRO A 196 7.30 27.84 11.29
C PRO A 196 7.33 27.05 9.98
N LEU A 197 6.92 27.72 8.90
CA LEU A 197 6.90 27.18 7.56
C LEU A 197 7.87 28.00 6.73
N TYR A 198 8.84 27.33 6.12
CA TYR A 198 9.85 27.94 5.23
C TYR A 198 9.58 27.34 3.85
N ASN A 199 9.25 28.20 2.91
CA ASN A 199 8.84 27.87 1.57
C ASN A 199 9.88 28.00 0.49
N TRP A 200 10.11 26.87 -0.22
CA TRP A 200 11.00 26.83 -1.39
C TRP A 200 10.19 26.58 -2.67
N ALA A 201 8.84 26.39 -2.56
CA ALA A 201 7.99 26.19 -3.75
C ALA A 201 8.01 27.43 -4.63
N VAL A 202 7.95 27.23 -5.95
CA VAL A 202 8.00 28.31 -6.95
C VAL A 202 6.77 28.16 -7.84
N GLY A 203 5.94 29.19 -7.87
CA GLY A 203 4.74 29.20 -8.72
C GLY A 203 5.05 29.07 -10.19
N GLY A 204 4.56 28.01 -10.83
CA GLY A 204 4.79 27.76 -12.25
C GLY A 204 3.53 27.93 -13.08
N ALA A 205 2.60 28.79 -12.60
CA ALA A 205 1.33 29.11 -13.25
C ALA A 205 1.57 29.84 -14.61
N ALA A 206 0.57 29.85 -15.54
CA ALA A 206 0.69 30.49 -16.86
C ALA A 206 1.22 31.92 -16.76
N GLY A 207 2.35 32.18 -17.40
CA GLY A 207 3.00 33.49 -17.39
C GLY A 207 4.21 33.63 -16.46
N SER A 208 4.50 32.62 -15.63
CA SER A 208 5.64 32.66 -14.68
C SER A 208 7.01 32.64 -15.37
N ASN A 209 7.09 32.09 -16.61
CA ASN A 209 8.25 31.94 -17.47
C ASN A 209 8.95 33.32 -17.78
N GLN A 210 8.20 34.42 -17.59
CA GLN A 210 8.62 35.80 -17.75
C GLN A 210 9.60 36.23 -16.65
N TYR A 211 9.70 35.41 -15.57
CA TYR A 211 10.51 35.69 -14.38
C TYR A 211 11.57 34.63 -14.12
N VAL A 212 12.72 35.10 -13.56
CA VAL A 212 13.89 34.28 -13.24
C VAL A 212 13.74 33.65 -11.85
N ALA A 213 13.53 32.32 -11.85
CA ALA A 213 13.35 31.51 -10.65
C ALA A 213 13.76 30.04 -10.89
N LEU A 214 13.81 29.23 -9.81
CA LEU A 214 14.18 27.81 -9.86
C LEU A 214 13.28 27.01 -10.82
N THR A 215 13.90 26.26 -11.72
CA THR A 215 13.19 25.40 -12.68
C THR A 215 13.32 24.00 -12.07
N GLY A 216 12.20 23.37 -11.77
CA GLY A 216 12.20 22.04 -11.20
C GLY A 216 12.28 21.96 -9.69
N VAL A 217 11.96 20.79 -9.17
CA VAL A 217 11.90 20.55 -7.75
C VAL A 217 13.25 20.08 -7.23
N LYS A 218 14.12 19.46 -8.06
CA LYS A 218 15.49 19.07 -7.65
C LYS A 218 16.30 20.33 -7.24
N ASP A 219 16.19 21.42 -8.03
CA ASP A 219 16.89 22.68 -7.76
C ASP A 219 16.36 23.36 -6.49
N GLN A 220 15.07 23.21 -6.14
CA GLN A 220 14.53 23.78 -4.90
C GLN A 220 15.21 23.08 -3.71
N VAL A 221 15.40 21.75 -3.79
CA VAL A 221 16.08 20.97 -2.75
C VAL A 221 17.53 21.44 -2.64
N LEU A 222 18.24 21.56 -3.77
CA LEU A 222 19.63 22.06 -3.79
C LEU A 222 19.74 23.47 -3.19
N SER A 223 18.83 24.37 -3.56
CA SER A 223 18.80 25.75 -3.04
C SER A 223 18.60 25.72 -1.52
N TYR A 224 17.59 24.96 -1.05
CA TYR A 224 17.30 24.81 0.36
C TYR A 224 18.54 24.40 1.18
N LEU A 225 19.26 23.35 0.70
CA LEU A 225 20.46 22.82 1.36
C LEU A 225 21.58 23.85 1.49
N THR A 226 21.70 24.79 0.51
CA THR A 226 22.70 25.85 0.59
C THR A 226 22.32 26.87 1.67
N TYR A 227 21.01 27.21 1.82
CA TYR A 227 20.55 28.11 2.87
C TYR A 227 20.65 27.44 4.24
N ALA A 228 20.32 26.12 4.32
CA ALA A 228 20.38 25.34 5.58
C ALA A 228 21.83 25.26 6.10
N LYS A 229 22.83 25.36 5.18
CA LYS A 229 24.26 25.34 5.55
C LYS A 229 24.65 26.57 6.37
N MET A 230 23.96 27.67 6.16
CA MET A 230 24.20 28.94 6.85
C MET A 230 23.45 29.02 8.20
N ALA A 231 22.53 28.10 8.44
CA ALA A 231 21.73 28.03 9.69
C ALA A 231 22.60 27.46 10.83
N LYS A 232 22.23 27.77 12.08
CA LYS A 232 22.94 27.25 13.24
C LYS A 232 22.22 26.05 13.83
N ASN A 233 22.98 25.06 14.32
CA ASN A 233 22.45 23.85 15.00
C ASN A 233 21.34 23.17 14.19
N TYR A 234 21.43 23.22 12.84
CA TYR A 234 20.42 22.63 12.00
C TYR A 234 20.52 21.12 11.91
N LYS A 235 19.38 20.43 12.13
CA LYS A 235 19.33 18.99 12.06
C LYS A 235 18.20 18.63 11.15
N PRO A 236 18.54 18.04 10.00
CA PRO A 236 17.49 17.72 9.01
C PRO A 236 16.39 16.74 9.49
N GLU A 237 16.67 15.88 10.49
CA GLU A 237 15.73 14.90 11.07
C GLU A 237 14.59 15.59 11.77
N ASN A 238 14.79 16.85 12.19
CA ASN A 238 13.79 17.61 12.91
C ASN A 238 12.94 18.48 12.01
N THR A 239 13.08 18.32 10.70
CA THR A 239 12.26 19.07 9.76
C THR A 239 11.18 18.16 9.16
N LEU A 240 9.96 18.69 8.99
CA LEU A 240 8.93 17.99 8.25
C LEU A 240 8.98 18.58 6.85
N PHE A 241 9.33 17.75 5.85
CA PHE A 241 9.36 18.20 4.47
C PHE A 241 8.07 17.87 3.77
N THR A 242 7.56 18.80 2.94
CA THR A 242 6.36 18.57 2.16
C THR A 242 6.73 18.70 0.72
N LEU A 243 6.11 17.88 -0.12
CA LEU A 243 6.41 17.86 -1.53
C LEU A 243 5.23 17.56 -2.40
N GLU A 244 4.91 18.49 -3.27
CA GLU A 244 3.90 18.33 -4.30
C GLU A 244 4.45 18.99 -5.57
N PHE A 245 4.40 18.29 -6.69
CA PHE A 245 4.92 18.86 -7.94
C PHE A 245 4.38 18.12 -9.13
N GLY A 246 4.38 18.78 -10.28
CA GLY A 246 3.96 18.18 -11.53
C GLY A 246 2.85 18.89 -12.29
N LEU A 247 1.83 19.49 -11.61
CA LEU A 247 0.68 20.11 -12.30
C LEU A 247 1.06 21.28 -13.19
N ASN A 248 1.80 22.26 -12.64
CA ASN A 248 2.31 23.40 -13.42
C ASN A 248 3.17 22.94 -14.60
N ASP A 249 4.07 21.94 -14.39
CA ASP A 249 4.93 21.36 -15.44
C ASP A 249 4.13 20.73 -16.57
N PHE A 250 3.09 19.94 -16.21
CA PHE A 250 2.21 19.28 -17.18
C PHE A 250 1.33 20.26 -17.95
N MET A 251 0.81 21.28 -17.28
CA MET A 251 -0.13 22.22 -17.88
C MET A 251 0.46 23.46 -18.53
N ASN A 252 1.53 24.04 -18.01
CA ASN A 252 2.08 25.27 -18.57
C ASN A 252 3.39 25.10 -19.32
N TYR A 253 4.13 24.01 -19.05
CA TYR A 253 5.40 23.80 -19.72
C TYR A 253 5.38 22.59 -20.63
N ASN A 254 4.20 21.94 -20.82
CA ASN A 254 4.01 20.76 -21.67
C ASN A 254 5.12 19.70 -21.43
N ARG A 255 5.47 19.51 -20.15
CA ARG A 255 6.50 18.56 -19.76
C ARG A 255 6.07 17.12 -19.90
N GLU A 256 7.01 16.25 -20.31
CA GLU A 256 6.76 14.82 -20.42
C GLU A 256 6.87 14.19 -19.03
N VAL A 257 6.07 13.16 -18.78
CA VAL A 257 6.05 12.44 -17.49
C VAL A 257 7.43 11.93 -17.10
N VAL A 258 8.20 11.38 -18.06
CA VAL A 258 9.53 10.83 -17.84
C VAL A 258 10.48 11.86 -17.20
N ASP A 259 10.38 13.14 -17.65
CA ASP A 259 11.21 14.25 -17.19
C ASP A 259 10.79 14.72 -15.82
N VAL A 260 9.47 14.76 -15.55
CA VAL A 260 8.92 15.13 -14.24
C VAL A 260 9.29 14.04 -13.22
N LYS A 261 9.21 12.75 -13.62
CA LYS A 261 9.56 11.61 -12.78
C LYS A 261 11.03 11.70 -12.39
N THR A 262 11.95 11.95 -13.33
CA THR A 262 13.39 12.11 -13.12
C THR A 262 13.70 13.25 -12.14
N ASP A 263 13.08 14.41 -12.33
CA ASP A 263 13.29 15.59 -11.50
C ASP A 263 12.83 15.29 -10.05
N PHE A 264 11.59 14.77 -9.92
CA PHE A 264 10.97 14.42 -8.65
C PHE A 264 11.80 13.34 -7.92
N SER A 265 12.14 12.25 -8.60
CA SER A 265 12.97 11.15 -8.07
C SER A 265 14.35 11.67 -7.55
N THR A 266 15.02 12.51 -8.34
CA THR A 266 16.33 13.09 -8.03
C THR A 266 16.24 14.02 -6.83
N ALA A 267 15.12 14.78 -6.70
CA ALA A 267 14.85 15.68 -5.57
C ALA A 267 14.76 14.86 -4.29
N LEU A 268 14.04 13.70 -4.31
CA LEU A 268 13.92 12.81 -3.13
C LEU A 268 15.23 12.12 -2.78
N ILE A 269 15.99 11.75 -3.79
CA ILE A 269 17.33 11.17 -3.59
C ILE A 269 18.21 12.19 -2.85
N LYS A 270 18.26 13.46 -3.32
CA LYS A 270 19.04 14.53 -2.70
C LYS A 270 18.58 14.81 -1.28
N LEU A 271 17.25 14.92 -1.09
CA LEU A 271 16.65 15.23 0.20
C LEU A 271 16.96 14.16 1.27
N THR A 272 16.74 12.87 0.96
CA THR A 272 17.02 11.77 1.87
C THR A 272 18.53 11.60 2.09
N ASP A 273 19.34 11.77 1.02
CA ASP A 273 20.79 11.71 1.15
C ASP A 273 21.32 12.81 2.10
N ALA A 274 20.63 13.98 2.14
CA ALA A 274 21.00 15.09 3.03
C ALA A 274 20.56 14.89 4.49
N GLY A 275 19.92 13.76 4.80
CA GLY A 275 19.50 13.51 6.17
C GLY A 275 18.02 13.73 6.48
N ALA A 276 17.19 13.94 5.45
CA ALA A 276 15.72 14.07 5.68
C ALA A 276 15.19 12.75 6.18
N LYS A 277 14.28 12.84 7.16
CA LYS A 277 13.65 11.66 7.78
C LYS A 277 12.14 11.68 7.69
N ASN A 278 11.51 12.86 7.71
CA ASN A 278 10.05 13.04 7.77
C ASN A 278 9.59 13.76 6.53
N ILE A 279 8.92 13.04 5.64
CA ILE A 279 8.47 13.61 4.35
C ILE A 279 7.01 13.31 4.10
N MET A 280 6.28 14.31 3.67
CA MET A 280 4.86 14.23 3.32
C MET A 280 4.78 14.34 1.79
N LEU A 281 4.25 13.29 1.15
CA LEU A 281 4.07 13.23 -0.30
C LEU A 281 2.60 13.21 -0.63
N MET A 282 2.25 13.67 -1.82
CA MET A 282 0.85 13.64 -2.22
C MET A 282 0.62 13.46 -3.68
N THR A 283 -0.50 12.82 -3.99
CA THR A 283 -0.91 12.60 -5.34
C THR A 283 -1.49 13.91 -5.89
N LEU A 284 -1.41 14.07 -7.19
CA LEU A 284 -1.91 15.27 -7.85
C LEU A 284 -3.39 15.20 -8.12
N PRO A 285 -4.14 16.22 -7.71
CA PRO A 285 -5.55 16.30 -8.11
C PRO A 285 -5.69 16.38 -9.64
N ASP A 286 -6.80 15.86 -10.20
CA ASP A 286 -7.00 15.90 -11.66
C ASP A 286 -7.42 17.31 -12.06
N ALA A 287 -6.46 18.07 -12.56
CA ALA A 287 -6.66 19.44 -13.02
C ALA A 287 -7.68 19.55 -14.18
N THR A 288 -7.95 18.45 -14.91
CA THR A 288 -8.91 18.43 -16.01
C THR A 288 -10.37 18.56 -15.50
N LYS A 289 -10.58 18.45 -14.17
CA LYS A 289 -11.89 18.63 -13.53
C LYS A 289 -12.14 20.10 -13.28
N ALA A 290 -11.12 20.98 -13.47
CA ALA A 290 -11.21 22.44 -13.27
C ALA A 290 -12.05 23.18 -14.36
N PRO A 291 -12.65 24.38 -14.07
CA PRO A 291 -13.45 25.08 -15.11
C PRO A 291 -12.75 25.38 -16.43
N GLN A 292 -11.40 25.47 -16.42
CA GLN A 292 -10.63 25.73 -17.64
C GLN A 292 -10.91 24.67 -18.74
N PHE A 293 -11.15 23.41 -18.36
CA PHE A 293 -11.36 22.26 -19.25
C PHE A 293 -12.81 21.98 -19.58
N LYS A 294 -13.74 22.87 -19.12
CA LYS A 294 -15.20 22.78 -19.36
C LYS A 294 -15.51 22.48 -20.80
N TYR A 295 -14.92 23.25 -21.73
CA TYR A 295 -15.19 23.10 -23.17
C TYR A 295 -14.03 22.49 -23.96
N SER A 296 -13.05 21.89 -23.27
CA SER A 296 -11.90 21.25 -23.94
C SER A 296 -12.29 19.95 -24.64
N THR A 297 -11.53 19.57 -25.69
CA THR A 297 -11.81 18.30 -26.37
C THR A 297 -11.35 17.16 -25.47
N GLN A 298 -11.88 15.95 -25.73
CA GLN A 298 -11.45 14.76 -24.97
C GLN A 298 -9.99 14.50 -25.19
N ALA A 299 -9.45 14.75 -26.41
CA ALA A 299 -8.02 14.60 -26.73
C ALA A 299 -7.12 15.46 -25.80
N GLU A 300 -7.49 16.75 -25.52
CA GLU A 300 -6.74 17.66 -24.65
C GLU A 300 -6.85 17.21 -23.20
N ILE A 301 -8.08 16.85 -22.78
CA ILE A 301 -8.33 16.35 -21.41
C ILE A 301 -7.51 15.07 -21.15
N GLU A 302 -7.62 14.07 -22.05
CA GLU A 302 -6.93 12.76 -21.98
C GLU A 302 -5.42 12.89 -21.91
N LYS A 303 -4.82 13.81 -22.67
CA LYS A 303 -3.38 14.07 -22.68
C LYS A 303 -2.89 14.55 -21.29
N VAL A 304 -3.62 15.47 -20.64
CA VAL A 304 -3.25 15.97 -19.31
C VAL A 304 -3.56 14.90 -18.23
N ARG A 305 -4.76 14.29 -18.28
CA ARG A 305 -5.20 13.27 -17.33
C ARG A 305 -4.28 12.06 -17.32
N ALA A 306 -3.85 11.57 -18.51
CA ALA A 306 -2.95 10.41 -18.61
C ALA A 306 -1.64 10.68 -17.86
N LYS A 307 -1.12 11.90 -17.97
CA LYS A 307 0.09 12.32 -17.30
C LYS A 307 -0.08 12.32 -15.76
N ILE A 308 -1.20 12.85 -15.26
CA ILE A 308 -1.50 12.92 -13.83
C ILE A 308 -1.64 11.49 -13.24
N VAL A 309 -2.42 10.63 -13.90
CA VAL A 309 -2.68 9.23 -13.51
C VAL A 309 -1.36 8.45 -13.40
N GLU A 310 -0.52 8.56 -14.42
CA GLU A 310 0.78 7.88 -14.46
C GLU A 310 1.69 8.43 -13.36
N PHE A 311 1.74 9.75 -13.22
CA PHE A 311 2.56 10.38 -12.20
C PHE A 311 2.12 10.01 -10.78
N ASN A 312 0.81 9.86 -10.56
CA ASN A 312 0.26 9.48 -9.27
C ASN A 312 0.67 8.07 -8.81
N GLU A 313 0.75 7.12 -9.77
CA GLU A 313 1.21 5.76 -9.49
C GLU A 313 2.68 5.74 -9.16
N PHE A 314 3.44 6.61 -9.80
CA PHE A 314 4.87 6.76 -9.58
C PHE A 314 5.12 7.28 -8.15
N ILE A 315 4.36 8.32 -7.71
CA ILE A 315 4.44 8.92 -6.38
C ILE A 315 4.20 7.82 -5.32
N LYS A 316 3.18 6.96 -5.52
CA LYS A 316 2.86 5.85 -4.60
C LYS A 316 4.06 4.93 -4.46
N ALA A 317 4.70 4.55 -5.58
CA ALA A 317 5.86 3.65 -5.56
C ALA A 317 7.10 4.31 -4.89
N GLN A 318 7.28 5.62 -5.08
CA GLN A 318 8.36 6.41 -4.48
C GLN A 318 8.17 6.40 -2.98
N ALA A 319 6.92 6.62 -2.51
CA ALA A 319 6.56 6.64 -1.09
C ALA A 319 6.89 5.29 -0.46
N ALA A 320 6.43 4.19 -1.10
CA ALA A 320 6.65 2.83 -0.62
C ALA A 320 8.14 2.49 -0.54
N PHE A 321 8.93 2.96 -1.52
CA PHE A 321 10.38 2.76 -1.55
C PHE A 321 11.08 3.36 -0.32
N TYR A 322 10.72 4.60 0.06
CA TYR A 322 11.29 5.29 1.21
C TYR A 322 10.77 4.74 2.52
N ILE A 323 9.54 4.17 2.55
CA ILE A 323 9.02 3.48 3.73
C ILE A 323 9.86 2.23 4.02
N ILE A 324 10.21 1.45 2.99
CA ILE A 324 11.04 0.26 3.16
C ILE A 324 12.37 0.58 3.83
N GLN A 325 13.00 1.70 3.45
CA GLN A 325 14.29 2.18 3.99
C GLN A 325 14.22 2.72 5.43
N GLY A 326 13.02 2.88 6.01
CA GLY A 326 12.88 3.36 7.38
C GLY A 326 12.59 4.84 7.55
N TYR A 327 12.28 5.58 6.48
CA TYR A 327 11.94 7.02 6.60
C TYR A 327 10.47 7.16 7.08
N ASN A 328 10.15 8.28 7.72
CA ASN A 328 8.79 8.59 8.13
C ASN A 328 8.08 9.23 6.96
N ILE A 329 7.34 8.41 6.22
CA ILE A 329 6.63 8.84 5.01
C ILE A 329 5.10 8.72 5.16
N THR A 330 4.41 9.77 4.74
CA THR A 330 2.97 9.73 4.63
C THR A 330 2.66 10.13 3.22
N LEU A 331 1.84 9.33 2.57
CA LEU A 331 1.35 9.65 1.23
C LEU A 331 -0.15 10.03 1.33
N TYR A 332 -0.50 11.25 1.01
CA TYR A 332 -1.90 11.67 1.04
C TYR A 332 -2.54 11.51 -0.32
N ASP A 333 -3.72 10.90 -0.35
CA ASP A 333 -4.41 10.78 -1.64
C ASP A 333 -5.19 12.05 -1.91
N THR A 334 -4.50 13.12 -2.29
CA THR A 334 -5.17 14.39 -2.58
C THR A 334 -5.97 14.28 -3.88
N HIS A 335 -5.55 13.37 -4.79
CA HIS A 335 -6.29 13.11 -6.02
C HIS A 335 -7.72 12.65 -5.67
N GLY A 336 -7.85 11.64 -4.81
CA GLY A 336 -9.12 11.09 -4.34
C GLY A 336 -9.94 12.09 -3.56
N LEU A 337 -9.29 12.86 -2.66
CA LEU A 337 -9.97 13.89 -1.86
C LEU A 337 -10.63 14.91 -2.76
N PHE A 338 -9.93 15.33 -3.83
CA PHE A 338 -10.37 16.32 -4.82
C PHE A 338 -11.47 15.79 -5.70
N GLU A 339 -11.42 14.48 -6.07
CA GLU A 339 -12.48 13.81 -6.84
C GLU A 339 -13.82 13.89 -6.07
N GLN A 340 -13.82 13.57 -4.76
CA GLN A 340 -15.05 13.60 -3.93
C GLN A 340 -15.58 15.03 -3.88
N LEU A 341 -14.68 16.00 -3.70
CA LEU A 341 -15.01 17.40 -3.62
C LEU A 341 -15.71 17.92 -4.88
N THR A 342 -15.11 17.70 -6.06
CA THR A 342 -15.66 18.18 -7.33
C THR A 342 -16.94 17.42 -7.76
N GLN A 343 -17.03 16.12 -7.38
CA GLN A 343 -18.18 15.26 -7.69
C GLN A 343 -19.39 15.57 -6.83
N ASN A 344 -19.20 15.81 -5.51
CA ASN A 344 -20.29 16.15 -4.60
C ASN A 344 -19.95 17.33 -3.68
N PRO A 345 -19.81 18.57 -4.23
CA PRO A 345 -19.41 19.72 -3.37
C PRO A 345 -20.31 20.00 -2.17
N GLN A 346 -21.65 19.88 -2.33
CA GLN A 346 -22.67 20.11 -1.28
C GLN A 346 -22.46 19.18 -0.07
N GLN A 347 -21.97 17.96 -0.31
CA GLN A 347 -21.63 16.97 0.73
C GLN A 347 -20.41 17.40 1.57
N HIS A 348 -19.63 18.40 1.10
CA HIS A 348 -18.41 18.89 1.79
C HIS A 348 -18.44 20.39 2.15
N GLY A 349 -19.61 21.00 2.20
CA GLY A 349 -19.75 22.41 2.55
C GLY A 349 -19.53 23.39 1.42
N PHE A 350 -19.58 22.93 0.16
CA PHE A 350 -19.39 23.84 -0.98
C PHE A 350 -20.64 23.90 -1.84
N VAL A 351 -20.88 25.04 -2.47
CA VAL A 351 -22.05 25.27 -3.32
C VAL A 351 -21.68 25.07 -4.79
N ASN A 352 -20.45 25.47 -5.16
CA ASN A 352 -20.05 25.42 -6.55
C ASN A 352 -18.65 24.81 -6.77
N ALA A 353 -18.57 23.82 -7.68
CA ALA A 353 -17.31 23.16 -8.08
C ALA A 353 -17.19 23.20 -9.61
N SER A 354 -17.98 24.08 -10.29
CA SER A 354 -17.98 24.12 -11.74
C SER A 354 -17.58 25.46 -12.37
N ASP A 355 -17.59 26.53 -11.61
CA ASP A 355 -17.26 27.84 -12.14
C ASP A 355 -16.16 28.49 -11.34
N ALA A 356 -15.44 29.42 -11.96
CA ALA A 356 -14.47 30.27 -11.34
C ALA A 356 -15.29 31.25 -10.52
N CYS A 357 -14.81 31.57 -9.32
CA CYS A 357 -15.46 32.56 -8.48
C CYS A 357 -15.25 33.96 -9.09
N LEU A 358 -14.08 34.17 -9.71
CA LEU A 358 -13.74 35.42 -10.38
C LEU A 358 -14.45 35.54 -11.72
N ASN A 359 -14.72 36.77 -12.12
CA ASN A 359 -15.36 37.12 -13.37
C ASN A 359 -14.32 37.22 -14.46
N ILE A 360 -13.95 36.08 -15.04
CA ILE A 360 -12.98 36.05 -16.13
C ILE A 360 -13.66 35.34 -17.29
N ASN A 361 -13.73 36.04 -18.42
CA ASN A 361 -14.38 35.51 -19.60
C ASN A 361 -13.41 34.91 -20.61
N ARG A 362 -12.16 35.42 -20.65
CA ARG A 362 -11.12 34.97 -21.59
C ARG A 362 -9.87 34.61 -20.78
N ALA A 363 -9.85 33.35 -20.27
CA ALA A 363 -8.78 32.84 -19.41
C ALA A 363 -7.42 32.74 -20.12
N SER A 364 -6.33 33.11 -19.40
CA SER A 364 -4.94 33.13 -19.85
C SER A 364 -3.96 33.43 -18.67
N SER A 365 -2.73 33.91 -19.03
CA SER A 365 -1.67 34.31 -18.09
C SER A 365 -2.06 35.62 -17.36
N ALA A 366 -2.99 36.41 -17.99
CA ALA A 366 -3.57 37.66 -17.48
C ALA A 366 -4.47 37.41 -16.27
N ASP A 367 -4.86 36.13 -16.02
CA ASP A 367 -5.60 35.76 -14.79
C ASP A 367 -4.73 36.14 -13.60
N TYR A 368 -3.40 35.91 -13.77
CA TYR A 368 -2.42 36.16 -12.70
C TYR A 368 -1.78 37.55 -12.79
N LEU A 369 -1.69 38.13 -13.97
CA LEU A 369 -1.09 39.46 -14.11
C LEU A 369 -2.02 40.63 -13.74
N TYR A 370 -3.29 40.47 -14.02
CA TYR A 370 -4.26 41.55 -13.83
C TYR A 370 -5.34 41.22 -12.81
N SER A 371 -6.02 42.29 -12.32
CA SER A 371 -7.07 42.18 -11.31
C SER A 371 -8.42 41.86 -11.91
N HIS A 372 -9.22 41.11 -11.16
CA HIS A 372 -10.56 40.67 -11.56
C HIS A 372 -11.48 40.77 -10.37
N SER A 373 -12.76 41.04 -10.63
CA SER A 373 -13.80 41.11 -9.61
C SER A 373 -14.46 39.75 -9.51
N LEU A 374 -15.19 39.52 -8.42
CA LEU A 374 -15.97 38.29 -8.22
C LEU A 374 -17.23 38.44 -9.08
N THR A 375 -17.78 37.32 -9.55
CA THR A 375 -19.06 37.35 -10.26
C THR A 375 -20.11 37.70 -9.19
N ASN A 376 -21.32 38.06 -9.61
CA ASN A 376 -22.38 38.37 -8.64
C ASN A 376 -22.74 37.12 -7.84
N GLU A 377 -22.78 35.95 -8.53
CA GLU A 377 -23.06 34.64 -7.98
C GLU A 377 -22.05 34.27 -6.88
N CYS A 378 -20.75 34.51 -7.12
CA CYS A 378 -19.78 34.21 -6.07
C CYS A 378 -19.89 35.17 -4.88
N ALA A 379 -20.15 36.46 -5.11
CA ALA A 379 -20.32 37.46 -4.04
C ALA A 379 -21.55 37.10 -3.16
N THR A 380 -22.59 36.51 -3.78
CA THR A 380 -23.83 36.04 -3.13
C THR A 380 -23.57 34.87 -2.16
N HIS A 381 -22.88 33.82 -2.63
CA HIS A 381 -22.60 32.63 -1.81
C HIS A 381 -21.36 32.71 -0.95
N SER A 382 -20.41 33.60 -1.31
CA SER A 382 -19.07 33.84 -0.74
C SER A 382 -18.05 32.89 -1.40
N SER A 383 -16.77 33.30 -1.43
CA SER A 383 -15.68 32.51 -2.03
C SER A 383 -15.36 31.29 -1.18
N ASP A 384 -15.83 31.27 0.08
CA ASP A 384 -15.66 30.12 0.97
C ASP A 384 -16.55 28.96 0.58
N LYS A 385 -17.57 29.21 -0.32
CA LYS A 385 -18.50 28.18 -0.84
C LYS A 385 -18.15 27.74 -2.28
N TYR A 386 -17.01 28.23 -2.79
CA TYR A 386 -16.57 27.86 -4.13
C TYR A 386 -15.30 27.06 -4.08
N VAL A 387 -15.18 26.10 -4.97
CA VAL A 387 -14.00 25.25 -5.07
C VAL A 387 -12.91 26.05 -5.82
N PHE A 388 -13.28 26.76 -6.90
CA PHE A 388 -12.32 27.47 -7.74
C PHE A 388 -12.36 28.97 -7.62
N TRP A 389 -11.16 29.58 -7.52
CA TRP A 389 -10.99 31.03 -7.43
C TRP A 389 -11.03 31.55 -8.87
N ASN A 390 -10.07 31.10 -9.71
CA ASN A 390 -10.07 31.40 -11.14
C ASN A 390 -10.45 30.07 -11.84
N VAL A 391 -10.20 29.94 -13.13
CA VAL A 391 -10.51 28.71 -13.89
C VAL A 391 -9.65 27.47 -13.51
N THR A 392 -8.55 27.62 -12.72
CA THR A 392 -7.71 26.47 -12.39
C THR A 392 -7.37 26.32 -10.92
N HIS A 393 -7.06 27.45 -10.26
CA HIS A 393 -6.63 27.44 -8.86
C HIS A 393 -7.79 27.43 -7.89
N PRO A 394 -7.71 26.54 -6.87
CA PRO A 394 -8.77 26.48 -5.86
C PRO A 394 -8.74 27.64 -4.86
N THR A 395 -9.85 27.87 -4.17
CA THR A 395 -9.99 28.90 -3.14
C THR A 395 -9.25 28.44 -1.86
N THR A 396 -9.07 29.37 -0.88
CA THR A 396 -8.41 29.08 0.38
C THR A 396 -9.25 28.09 1.21
N ALA A 397 -10.59 28.09 1.02
CA ALA A 397 -11.51 27.16 1.68
C ALA A 397 -11.18 25.72 1.28
N VAL A 398 -10.76 25.51 0.03
CA VAL A 398 -10.33 24.18 -0.47
C VAL A 398 -9.02 23.77 0.17
N HIS A 399 -8.04 24.70 0.24
CA HIS A 399 -6.75 24.47 0.88
C HIS A 399 -6.96 24.10 2.37
N LYS A 400 -7.90 24.79 3.05
CA LYS A 400 -8.25 24.57 4.45
C LYS A 400 -8.87 23.18 4.58
N TYR A 401 -9.85 22.88 3.73
CA TYR A 401 -10.52 21.59 3.67
C TYR A 401 -9.51 20.44 3.50
N ILE A 402 -8.52 20.57 2.59
CA ILE A 402 -7.48 19.57 2.35
C ILE A 402 -6.64 19.38 3.62
N ALA A 403 -6.14 20.49 4.21
CA ALA A 403 -5.34 20.48 5.43
C ALA A 403 -6.09 19.80 6.58
N GLU A 404 -7.41 20.05 6.75
CA GLU A 404 -8.25 19.43 7.77
C GLU A 404 -8.30 17.92 7.59
N LYS A 405 -8.41 17.46 6.34
CA LYS A 405 -8.44 16.02 6.05
C LYS A 405 -7.10 15.37 6.40
N MET A 406 -6.00 16.04 6.06
CA MET A 406 -4.64 15.58 6.35
C MET A 406 -4.33 15.56 7.84
N LEU A 407 -4.88 16.52 8.60
CA LEU A 407 -4.63 16.68 10.04
C LEU A 407 -5.50 15.82 10.90
N ALA A 408 -6.49 15.14 10.30
CA ALA A 408 -7.46 14.35 11.05
C ALA A 408 -6.80 13.16 11.79
N PRO A 409 -7.26 12.81 13.02
CA PRO A 409 -6.63 11.68 13.73
C PRO A 409 -6.50 10.40 12.88
N GLY A 410 -5.30 9.85 12.84
CA GLY A 410 -4.96 8.64 12.10
C GLY A 410 -4.86 8.78 10.60
N ALA A 411 -4.92 10.03 10.05
CA ALA A 411 -4.89 10.28 8.60
C ALA A 411 -3.49 10.30 8.00
N GLY A 412 -2.44 10.36 8.82
CA GLY A 412 -1.05 10.35 8.34
C GLY A 412 -0.04 11.16 9.13
N MET A 413 -0.49 12.21 9.88
CA MET A 413 0.42 13.03 10.70
C MET A 413 1.07 12.25 11.84
N GLN A 414 0.46 11.13 12.26
CA GLN A 414 0.98 10.31 13.37
C GLN A 414 2.29 9.60 13.01
N ARG A 415 2.64 9.53 11.72
CA ARG A 415 3.88 8.87 11.29
C ARG A 415 5.07 9.80 11.47
N PHE A 416 4.81 11.09 11.76
CA PHE A 416 5.89 12.06 11.90
C PHE A 416 6.27 12.25 13.30
N ASN A 417 7.56 12.55 13.52
CA ASN A 417 8.14 12.75 14.85
C ASN A 417 7.71 14.09 15.53
N PHE A 418 6.40 14.31 15.68
CA PHE A 418 5.93 15.52 16.37
C PHE A 418 6.10 15.31 17.87
N HIS A 419 6.03 16.40 18.69
CA HIS A 419 6.06 16.21 20.13
C HIS A 419 4.93 15.22 20.51
N HIS A 420 5.19 14.29 21.42
CA HIS A 420 4.16 13.33 21.86
C HIS A 420 4.05 13.37 23.40
N HIS A 421 2.95 13.99 23.89
CA HIS A 421 2.72 14.23 25.32
C HIS A 421 2.49 12.97 26.16
N HIS A 422 2.63 13.16 27.48
CA HIS A 422 2.36 12.16 28.48
C HIS A 422 0.84 12.18 28.77
N HIS A 423 0.33 11.08 29.33
CA HIS A 423 -1.09 10.95 29.68
C HIS A 423 -1.24 10.77 31.18
N HIS A 424 -1.98 11.69 31.82
CA HIS A 424 -2.24 11.69 33.26
C HIS A 424 -3.03 10.44 33.70
N SER B 26 -14.62 -20.46 10.66
CA SER B 26 -14.97 -19.35 9.78
C SER B 26 -15.88 -18.35 10.52
N PRO B 27 -15.44 -17.08 10.73
CA PRO B 27 -16.31 -16.11 11.44
C PRO B 27 -17.63 -15.78 10.75
N GLU B 28 -17.63 -15.79 9.40
CA GLU B 28 -18.78 -15.50 8.54
C GLU B 28 -19.91 -16.53 8.67
N ALA B 29 -19.61 -17.73 9.23
CA ALA B 29 -20.55 -18.84 9.44
C ALA B 29 -21.39 -18.65 10.72
N ILE B 30 -20.87 -17.92 11.74
CA ILE B 30 -21.58 -17.65 13.00
C ILE B 30 -22.80 -16.73 12.78
N THR B 31 -23.99 -17.18 13.16
CA THR B 31 -25.20 -16.37 13.03
C THR B 31 -25.32 -15.42 14.25
N SER B 32 -26.13 -14.36 14.13
CA SER B 32 -26.41 -13.42 15.22
C SER B 32 -27.27 -14.10 16.32
N ALA B 33 -27.99 -15.16 15.93
CA ALA B 33 -28.82 -15.98 16.83
C ALA B 33 -27.90 -16.82 17.71
N GLN B 34 -26.81 -17.36 17.12
CA GLN B 34 -25.75 -18.12 17.78
C GLN B 34 -25.00 -17.19 18.79
N VAL B 35 -24.72 -15.94 18.40
CA VAL B 35 -24.06 -14.93 19.23
C VAL B 35 -24.96 -14.63 20.43
N PHE B 36 -26.25 -14.33 20.19
CA PHE B 36 -27.19 -14.01 21.27
C PHE B 36 -27.33 -15.16 22.27
N SER B 37 -27.47 -16.41 21.76
CA SER B 37 -27.59 -17.61 22.58
C SER B 37 -26.34 -17.80 23.47
N THR B 38 -25.13 -17.59 22.90
CA THR B 38 -23.83 -17.66 23.60
C THR B 38 -23.75 -16.61 24.69
N GLN B 39 -24.06 -15.35 24.34
CA GLN B 39 -24.01 -14.24 25.29
C GLN B 39 -25.05 -14.28 26.42
N SER B 40 -26.14 -15.00 26.20
CA SER B 40 -27.23 -15.07 27.20
C SER B 40 -26.96 -16.07 28.30
N LYS B 41 -25.98 -16.98 28.11
CA LYS B 41 -25.62 -18.01 29.09
C LYS B 41 -24.71 -17.43 30.17
N GLU B 42 -25.25 -16.47 30.94
CA GLU B 42 -24.55 -15.78 32.01
C GLU B 42 -24.35 -16.67 33.21
N THR B 43 -23.10 -16.77 33.62
CA THR B 43 -22.67 -17.57 34.76
C THR B 43 -21.54 -16.81 35.50
N TYR B 44 -20.78 -17.49 36.32
CA TYR B 44 -19.63 -16.90 37.00
C TYR B 44 -18.52 -17.93 37.00
N THR B 45 -17.30 -17.49 37.25
CA THR B 45 -16.11 -18.35 37.33
C THR B 45 -15.18 -17.80 38.39
N TYR B 46 -14.11 -18.55 38.70
CA TYR B 46 -13.10 -18.16 39.67
C TYR B 46 -11.87 -17.68 38.94
N VAL B 47 -10.95 -17.04 39.68
CA VAL B 47 -9.74 -16.50 39.08
C VAL B 47 -8.50 -17.19 39.68
N ARG B 48 -7.70 -17.80 38.82
CA ARG B 48 -6.46 -18.47 39.19
C ARG B 48 -5.32 -17.43 39.01
N CYS B 49 -4.64 -17.08 40.10
CA CYS B 49 -3.55 -16.09 40.12
C CYS B 49 -2.20 -16.80 40.13
N TRP B 50 -1.45 -16.72 39.04
CA TRP B 50 -0.12 -17.33 38.95
C TRP B 50 0.97 -16.33 39.30
N TYR B 51 2.12 -16.83 39.81
CA TYR B 51 3.25 -15.99 40.17
C TYR B 51 4.53 -16.79 40.16
N ARG B 52 5.67 -16.14 39.89
CA ARG B 52 7.00 -16.74 39.93
C ARG B 52 7.34 -16.85 41.41
N THR B 53 7.63 -18.07 41.89
CA THR B 53 7.93 -18.31 43.30
C THR B 53 9.28 -17.71 43.72
N GLY B 54 10.28 -17.80 42.85
CA GLY B 54 11.62 -17.30 43.10
C GLY B 54 11.74 -15.80 42.97
N ASN B 55 12.83 -15.23 43.50
CA ASN B 55 13.05 -13.77 43.49
C ASN B 55 13.78 -13.26 42.27
N SER B 56 14.33 -14.19 41.46
CA SER B 56 15.13 -13.92 40.27
C SER B 56 14.51 -14.49 39.01
N HIS B 57 14.88 -13.92 37.84
CA HIS B 57 14.45 -14.39 36.53
C HIS B 57 15.12 -15.75 36.20
N ASP B 58 16.17 -16.13 36.99
CA ASP B 58 16.92 -17.39 36.92
C ASP B 58 16.04 -18.58 37.27
N GLU B 59 14.99 -18.33 38.07
CA GLU B 59 14.05 -19.33 38.55
C GLU B 59 12.73 -19.18 37.86
N SER B 60 12.43 -20.13 36.95
CA SER B 60 11.21 -20.09 36.14
C SER B 60 9.97 -20.65 36.81
N ALA B 61 10.13 -21.47 37.88
CA ALA B 61 9.03 -22.11 38.62
C ALA B 61 7.94 -21.13 39.07
N THR B 62 6.68 -21.55 38.87
CA THR B 62 5.50 -20.75 39.18
C THR B 62 4.55 -21.57 40.02
N ASP B 63 3.67 -20.88 40.74
CA ASP B 63 2.61 -21.50 41.51
C ASP B 63 1.40 -20.56 41.42
N TRP B 64 0.26 -21.01 41.93
CA TRP B 64 -0.95 -20.21 41.85
C TRP B 64 -1.77 -20.33 43.10
N GLU B 65 -2.69 -19.38 43.29
CA GLU B 65 -3.70 -19.38 44.35
C GLU B 65 -4.98 -18.82 43.75
N TRP B 66 -6.12 -19.16 44.34
CA TRP B 66 -7.40 -18.60 43.91
C TRP B 66 -7.47 -17.15 44.39
N ALA B 67 -7.92 -16.23 43.55
CA ALA B 67 -8.11 -14.83 43.93
C ALA B 67 -9.17 -14.72 45.03
N GLU B 68 -9.01 -13.76 45.92
CA GLU B 68 -9.97 -13.57 47.02
C GLU B 68 -10.42 -12.12 47.09
N ASN B 69 -11.52 -11.90 47.81
CA ASN B 69 -12.01 -10.56 48.12
C ASN B 69 -11.27 -10.11 49.40
N PRO B 70 -11.23 -8.81 49.74
CA PRO B 70 -10.56 -8.40 51.00
C PRO B 70 -11.02 -9.14 52.28
N ASP B 71 -12.28 -9.63 52.31
CA ASP B 71 -12.83 -10.37 53.45
C ASP B 71 -12.38 -11.84 53.54
N GLY B 72 -11.68 -12.34 52.50
CA GLY B 72 -11.18 -13.71 52.46
C GLY B 72 -12.04 -14.68 51.67
N SER B 73 -13.25 -14.26 51.25
CA SER B 73 -14.10 -15.10 50.43
C SER B 73 -13.49 -15.17 49.01
N TYR B 74 -13.78 -16.23 48.25
CA TYR B 74 -13.28 -16.36 46.89
C TYR B 74 -13.80 -15.29 45.97
N PHE B 75 -12.93 -14.76 45.11
CA PHE B 75 -13.31 -13.72 44.17
C PHE B 75 -13.83 -14.37 42.89
N THR B 76 -15.04 -13.99 42.49
CA THR B 76 -15.69 -14.49 41.28
C THR B 76 -15.90 -13.34 40.31
N ILE B 77 -16.07 -13.68 39.03
CA ILE B 77 -16.37 -12.74 37.95
C ILE B 77 -17.59 -13.27 37.20
N ASP B 78 -18.52 -12.39 36.80
CA ASP B 78 -19.70 -12.77 36.04
C ASP B 78 -19.41 -12.70 34.55
N GLY B 79 -20.07 -13.54 33.76
CA GLY B 79 -19.93 -13.51 32.31
C GLY B 79 -20.33 -14.81 31.65
N TYR B 80 -19.86 -15.03 30.43
CA TYR B 80 -20.18 -16.22 29.64
C TYR B 80 -18.93 -16.79 28.98
N TRP B 81 -18.98 -18.08 28.63
CA TRP B 81 -17.91 -18.79 27.94
C TRP B 81 -18.21 -18.88 26.43
N TRP B 82 -17.16 -19.09 25.65
CA TRP B 82 -17.25 -19.39 24.22
C TRP B 82 -16.09 -20.24 23.65
N SER B 83 -16.54 -21.19 22.83
CA SER B 83 -15.91 -22.35 22.21
C SER B 83 -15.98 -23.31 23.41
N SER B 84 -17.22 -23.31 24.02
CA SER B 84 -17.65 -24.00 25.23
C SER B 84 -17.44 -25.51 25.18
N VAL B 85 -17.51 -26.15 26.38
CA VAL B 85 -17.31 -27.58 26.65
C VAL B 85 -15.95 -28.07 26.03
N ARG B 86 -14.98 -27.11 25.90
CA ARG B 86 -13.67 -27.29 25.28
C ARG B 86 -12.47 -26.72 26.09
N LEU B 87 -11.26 -27.12 25.65
CA LEU B 87 -9.92 -26.72 26.13
C LEU B 87 -9.71 -25.23 25.82
N LYS B 88 -9.90 -24.84 24.53
CA LYS B 88 -9.73 -23.49 23.97
C LYS B 88 -11.05 -22.75 24.18
N ASN B 89 -11.22 -22.23 25.40
CA ASN B 89 -12.43 -21.60 25.86
C ASN B 89 -12.08 -20.27 26.46
N MET B 90 -12.83 -19.22 26.12
CA MET B 90 -12.55 -17.89 26.64
C MET B 90 -13.72 -17.42 27.49
N PHE B 91 -13.44 -16.73 28.59
CA PHE B 91 -14.47 -16.18 29.47
C PHE B 91 -14.63 -14.70 29.19
N TYR B 92 -15.84 -14.25 28.86
CA TYR B 92 -16.12 -12.83 28.54
C TYR B 92 -16.81 -12.19 29.71
N THR B 93 -16.18 -11.19 30.34
CA THR B 93 -16.72 -10.48 31.52
C THR B 93 -16.80 -8.97 31.29
N ASN B 94 -17.56 -8.25 32.15
CA ASN B 94 -17.60 -6.79 32.15
C ASN B 94 -16.57 -6.25 33.17
N THR B 95 -16.09 -7.10 34.09
CA THR B 95 -15.08 -6.74 35.10
C THR B 95 -13.80 -6.36 34.38
N SER B 96 -13.21 -5.22 34.79
CA SER B 96 -11.98 -4.76 34.18
C SER B 96 -10.79 -5.65 34.58
N GLN B 97 -9.78 -5.69 33.71
CA GLN B 97 -8.52 -6.40 33.92
C GLN B 97 -7.79 -5.83 35.14
N ASN B 98 -7.93 -4.51 35.38
CA ASN B 98 -7.33 -3.77 36.51
C ASN B 98 -7.83 -4.31 37.81
N VAL B 99 -9.16 -4.49 37.92
CA VAL B 99 -9.82 -5.04 39.11
C VAL B 99 -9.34 -6.49 39.37
N ILE B 100 -9.31 -7.33 38.32
CA ILE B 100 -8.86 -8.73 38.42
C ILE B 100 -7.40 -8.77 38.93
N LYS B 101 -6.50 -8.01 38.29
CA LYS B 101 -5.07 -7.94 38.64
C LYS B 101 -4.88 -7.49 40.11
N GLN B 102 -5.64 -6.46 40.54
CA GLN B 102 -5.60 -5.94 41.91
C GLN B 102 -5.97 -7.04 42.92
N ARG B 103 -7.02 -7.86 42.62
CA ARG B 103 -7.45 -8.98 43.47
C ARG B 103 -6.36 -10.01 43.61
N CYS B 104 -5.67 -10.35 42.50
CA CYS B 104 -4.54 -11.26 42.48
C CYS B 104 -3.37 -10.73 43.31
N GLU B 105 -3.00 -9.44 43.11
CA GLU B 105 -1.90 -8.79 43.83
C GLU B 105 -2.12 -8.78 45.34
N GLU B 106 -3.34 -8.42 45.79
CA GLU B 106 -3.69 -8.37 47.22
C GLU B 106 -3.81 -9.78 47.82
N THR B 107 -4.34 -10.75 47.06
CA THR B 107 -4.47 -12.14 47.55
C THR B 107 -3.09 -12.77 47.75
N LEU B 108 -2.22 -12.69 46.74
CA LEU B 108 -0.88 -13.27 46.80
C LEU B 108 0.04 -12.61 47.83
N GLY B 109 -0.03 -11.28 47.92
CA GLY B 109 0.77 -10.47 48.85
C GLY B 109 2.25 -10.57 48.60
N VAL B 110 2.65 -11.00 47.40
CA VAL B 110 4.05 -11.14 47.00
C VAL B 110 4.60 -9.76 46.66
N THR B 111 5.80 -9.46 47.14
CA THR B 111 6.38 -8.13 46.97
C THR B 111 7.55 -8.08 46.02
N HIS B 112 8.18 -9.25 45.69
CA HIS B 112 9.36 -9.30 44.82
C HIS B 112 9.05 -8.80 43.42
N ASP B 113 10.02 -8.04 42.83
CA ASP B 113 9.89 -7.41 41.51
C ASP B 113 9.63 -8.40 40.39
N ALA B 114 10.20 -9.62 40.50
CA ALA B 114 10.05 -10.64 39.48
C ALA B 114 8.82 -11.55 39.69
N ALA B 115 7.85 -11.14 40.57
CA ALA B 115 6.61 -11.88 40.89
C ALA B 115 5.87 -12.30 39.63
N ASP B 116 5.89 -11.41 38.62
CA ASP B 116 5.36 -11.58 37.27
C ASP B 116 4.00 -12.25 37.25
N ILE B 117 3.02 -11.66 37.96
CA ILE B 117 1.65 -12.17 38.11
C ILE B 117 0.89 -12.22 36.80
N THR B 118 0.25 -13.37 36.52
CA THR B 118 -0.66 -13.59 35.39
C THR B 118 -1.89 -14.24 35.97
N TYR B 119 -3.05 -14.13 35.30
CA TYR B 119 -4.29 -14.69 35.83
C TYR B 119 -5.17 -15.24 34.75
N PHE B 120 -6.04 -16.19 35.13
CA PHE B 120 -6.92 -16.86 34.19
C PHE B 120 -8.23 -17.21 34.87
N ALA B 121 -9.25 -17.50 34.05
CA ALA B 121 -10.52 -17.99 34.53
C ALA B 121 -10.36 -19.51 34.65
N ALA B 122 -10.91 -20.07 35.72
CA ALA B 122 -10.89 -21.52 35.99
C ALA B 122 -12.02 -21.78 36.96
N ASP B 123 -12.79 -22.85 36.71
CA ASP B 123 -13.88 -23.24 37.61
C ASP B 123 -13.38 -24.08 38.74
N ASN B 124 -12.34 -24.88 38.48
CA ASN B 124 -11.81 -25.88 39.40
C ASN B 124 -10.29 -25.99 39.32
N ARG B 125 -9.71 -26.70 40.27
CA ARG B 125 -8.27 -26.96 40.35
C ARG B 125 -7.74 -27.65 39.09
N TRP B 126 -8.54 -28.56 38.51
CA TRP B 126 -8.15 -29.30 37.31
C TRP B 126 -8.42 -28.58 36.02
N SER B 127 -9.05 -27.38 36.06
CA SER B 127 -9.34 -26.63 34.84
C SER B 127 -8.05 -26.11 34.17
N TYR B 128 -8.11 -25.84 32.85
CA TYR B 128 -7.01 -25.29 32.04
C TYR B 128 -6.93 -23.79 32.34
N ASN B 129 -5.90 -23.10 31.81
CA ASN B 129 -5.77 -21.67 31.97
C ASN B 129 -6.59 -20.98 30.89
N HIS B 130 -7.78 -20.49 31.24
CA HIS B 130 -8.65 -19.82 30.26
C HIS B 130 -8.45 -18.32 30.31
N THR B 131 -8.31 -17.69 29.13
CA THR B 131 -8.19 -16.25 28.98
C THR B 131 -9.49 -15.56 29.36
N ILE B 132 -9.39 -14.48 30.14
CA ILE B 132 -10.49 -13.62 30.53
C ILE B 132 -10.45 -12.41 29.59
N TRP B 133 -11.54 -12.20 28.86
CA TRP B 133 -11.71 -11.09 27.94
C TRP B 133 -12.66 -10.10 28.61
N THR B 134 -12.22 -8.82 28.74
CA THR B 134 -13.11 -7.79 29.28
C THR B 134 -13.86 -7.20 28.09
N ASN B 135 -15.17 -7.37 28.07
CA ASN B 135 -16.03 -6.81 27.03
C ASN B 135 -15.99 -5.30 27.09
N ASP B 136 -15.91 -4.67 25.93
CA ASP B 136 -15.83 -3.24 25.75
C ASP B 136 -17.17 -2.58 26.06
N PRO B 137 -17.17 -1.32 26.57
CA PRO B 137 -18.46 -0.61 26.77
C PRO B 137 -19.02 -0.10 25.43
N VAL B 138 -20.27 0.40 25.41
CA VAL B 138 -20.89 0.95 24.19
C VAL B 138 -20.12 2.20 23.73
N MET B 139 -19.82 3.11 24.68
CA MET B 139 -19.07 4.30 24.31
C MET B 139 -17.59 4.09 24.48
N GLN B 140 -16.88 4.16 23.35
CA GLN B 140 -15.44 3.99 23.28
C GLN B 140 -14.87 5.19 22.56
N ALA B 141 -13.80 5.76 23.09
CA ALA B 141 -13.09 6.85 22.41
C ALA B 141 -12.35 6.19 21.23
N ASP B 142 -11.87 6.96 20.25
CA ASP B 142 -11.12 6.38 19.11
C ASP B 142 -9.67 6.20 19.56
N GLN B 143 -9.47 5.24 20.47
CA GLN B 143 -8.22 4.91 21.15
C GLN B 143 -8.03 3.43 21.32
N ILE B 144 -6.77 2.96 21.25
CA ILE B 144 -6.43 1.56 21.43
C ILE B 144 -6.79 1.14 22.88
N ASN B 145 -7.57 0.07 23.02
CA ASN B 145 -8.02 -0.43 24.34
C ASN B 145 -7.60 -1.87 24.59
N LYS B 146 -6.88 -2.49 23.64
CA LYS B 146 -6.36 -3.86 23.80
C LYS B 146 -5.31 -4.17 22.77
N ILE B 147 -4.47 -5.18 23.07
CA ILE B 147 -3.43 -5.66 22.16
C ILE B 147 -3.77 -7.11 21.83
N VAL B 148 -3.78 -7.45 20.54
CA VAL B 148 -4.06 -8.82 20.09
C VAL B 148 -2.81 -9.29 19.35
N ALA B 149 -2.25 -10.41 19.79
CA ALA B 149 -1.00 -10.93 19.27
C ALA B 149 -1.15 -12.17 18.44
N PHE B 150 -0.46 -12.19 17.33
CA PHE B 150 -0.40 -13.35 16.44
C PHE B 150 1.06 -13.67 16.27
N GLY B 151 1.38 -14.94 16.12
CA GLY B 151 2.79 -15.31 15.92
C GLY B 151 3.15 -16.71 16.33
N ASP B 152 4.45 -16.92 16.62
CA ASP B 152 4.94 -18.23 16.99
C ASP B 152 5.55 -18.26 18.42
N SER B 153 6.62 -19.04 18.65
CA SER B 153 7.20 -19.16 19.99
C SER B 153 7.79 -17.85 20.57
N LEU B 154 8.00 -16.82 19.75
CA LEU B 154 8.53 -15.55 20.25
C LEU B 154 7.44 -14.68 20.89
N SER B 155 6.17 -15.04 20.69
CA SER B 155 5.04 -14.31 21.26
C SER B 155 4.13 -15.18 22.11
N ASP B 156 4.14 -16.53 21.91
CA ASP B 156 3.22 -17.41 22.65
C ASP B 156 3.34 -17.31 24.19
N THR B 157 2.20 -16.99 24.85
CA THR B 157 2.12 -16.85 26.31
C THR B 157 1.41 -18.05 27.00
N GLY B 158 0.97 -19.07 26.26
CA GLY B 158 0.32 -20.22 26.88
C GLY B 158 -0.56 -21.12 26.03
N ASN B 159 -0.63 -20.89 24.71
CA ASN B 159 -1.51 -21.69 23.84
C ASN B 159 -1.02 -23.11 23.63
N ILE B 160 0.24 -23.29 23.21
CA ILE B 160 0.76 -24.65 23.05
C ILE B 160 0.83 -25.34 24.43
N PHE B 161 1.09 -24.57 25.51
CA PHE B 161 1.16 -25.07 26.90
C PHE B 161 -0.14 -25.73 27.35
N ASN B 162 -1.29 -25.05 27.14
CA ASN B 162 -2.59 -25.60 27.50
C ASN B 162 -2.86 -26.85 26.66
N ALA B 163 -2.50 -26.80 25.36
CA ALA B 163 -2.67 -27.93 24.44
C ALA B 163 -1.80 -29.13 24.83
N ALA B 164 -0.63 -28.88 25.45
CA ALA B 164 0.35 -29.88 25.90
C ALA B 164 0.08 -30.32 27.33
N GLN B 165 -1.07 -29.90 27.89
CA GLN B 165 -1.48 -30.23 29.26
C GLN B 165 -0.44 -29.80 30.31
N TRP B 166 0.14 -28.59 30.13
CA TRP B 166 1.13 -27.99 31.03
C TRP B 166 2.48 -28.72 31.07
N ARG B 167 2.79 -29.50 30.03
CA ARG B 167 4.03 -30.27 29.96
C ARG B 167 5.06 -29.64 29.05
N PHE B 168 4.60 -28.90 28.02
CA PHE B 168 5.47 -28.31 27.02
C PHE B 168 5.15 -26.84 26.82
N PRO B 169 6.11 -25.91 27.05
CA PRO B 169 7.48 -26.16 27.53
C PRO B 169 7.53 -26.43 29.04
N ASN B 170 8.51 -27.26 29.47
CA ASN B 170 8.74 -27.65 30.87
C ASN B 170 8.53 -26.49 31.86
N PRO B 171 7.54 -26.56 32.78
CA PRO B 171 7.28 -25.42 33.70
C PRO B 171 8.31 -25.13 34.80
N ASP B 172 9.34 -26.00 34.98
CA ASP B 172 10.39 -25.75 35.99
C ASP B 172 11.53 -24.94 35.37
N THR B 173 11.65 -25.04 34.04
CA THR B 173 12.72 -24.42 33.26
C THR B 173 12.21 -23.23 32.41
N TRP B 174 10.93 -23.28 32.00
CA TRP B 174 10.34 -22.26 31.16
C TRP B 174 9.21 -21.62 31.88
N PHE B 175 9.14 -20.29 31.82
CA PHE B 175 8.15 -19.54 32.58
C PHE B 175 6.72 -19.78 32.09
N LEU B 176 5.95 -20.56 32.85
CA LEU B 176 4.53 -20.86 32.62
C LEU B 176 4.06 -20.71 31.16
N GLY B 177 4.48 -21.64 30.32
CA GLY B 177 4.07 -21.67 28.91
C GLY B 177 4.70 -20.68 27.96
N HIS B 178 5.62 -19.85 28.43
CA HIS B 178 6.35 -18.90 27.60
C HIS B 178 7.63 -19.56 27.23
N PHE B 179 8.14 -19.30 26.02
CA PHE B 179 9.41 -19.84 25.54
C PHE B 179 10.53 -18.90 25.93
N SER B 180 10.59 -18.60 27.22
CA SER B 180 11.63 -17.78 27.86
C SER B 180 11.55 -18.07 29.37
N ASN B 181 12.37 -17.38 30.17
CA ASN B 181 12.42 -17.47 31.65
C ASN B 181 11.55 -16.36 32.28
N GLY B 182 10.72 -15.73 31.46
CA GLY B 182 9.81 -14.71 31.94
C GLY B 182 8.89 -14.23 30.83
N PHE B 183 8.37 -13.01 30.99
CA PHE B 183 7.48 -12.39 30.02
C PHE B 183 8.14 -12.20 28.65
N VAL B 184 7.30 -12.16 27.62
CA VAL B 184 7.73 -11.90 26.24
C VAL B 184 7.44 -10.43 25.90
N TRP B 185 8.04 -9.95 24.80
CA TRP B 185 7.98 -8.56 24.34
C TRP B 185 6.56 -7.95 24.31
N THR B 186 5.54 -8.71 23.90
CA THR B 186 4.15 -8.26 23.83
C THR B 186 3.59 -7.94 25.22
N GLU B 187 3.93 -8.78 26.23
CA GLU B 187 3.52 -8.58 27.62
C GLU B 187 4.17 -7.34 28.20
N TYR B 188 5.44 -7.08 27.88
CA TYR B 188 6.11 -5.86 28.35
C TYR B 188 5.49 -4.59 27.76
N ILE B 189 5.08 -4.63 26.48
CA ILE B 189 4.39 -3.50 25.83
C ILE B 189 3.01 -3.30 26.47
N ALA B 190 2.23 -4.42 26.65
CA ALA B 190 0.91 -4.38 27.27
C ALA B 190 0.99 -3.82 28.70
N GLN B 191 1.99 -4.23 29.49
CA GLN B 191 2.22 -3.72 30.86
C GLN B 191 2.58 -2.25 30.84
N ALA B 192 3.45 -1.81 29.90
CA ALA B 192 3.84 -0.41 29.78
C ALA B 192 2.64 0.47 29.47
N LYS B 193 1.72 -0.05 28.65
CA LYS B 193 0.52 0.67 28.21
C LYS B 193 -0.67 0.45 29.11
N LYS B 194 -0.55 -0.48 30.11
CA LYS B 194 -1.62 -0.84 31.04
C LYS B 194 -2.85 -1.37 30.26
N LEU B 195 -2.59 -2.17 29.21
CA LEU B 195 -3.65 -2.70 28.36
C LEU B 195 -3.71 -4.21 28.42
N PRO B 196 -4.90 -4.79 28.26
CA PRO B 196 -4.94 -6.26 28.18
C PRO B 196 -4.30 -6.76 26.88
N LEU B 197 -3.65 -7.92 26.98
CA LEU B 197 -3.05 -8.61 25.87
C LEU B 197 -3.79 -9.92 25.71
N TYR B 198 -4.35 -10.15 24.51
CA TYR B 198 -5.05 -11.38 24.16
C TYR B 198 -4.22 -12.04 23.09
N ASN B 199 -3.67 -13.19 23.41
CA ASN B 199 -2.72 -13.88 22.58
C ASN B 199 -3.24 -15.08 21.79
N TRP B 200 -3.03 -15.02 20.47
CA TRP B 200 -3.38 -16.09 19.54
C TRP B 200 -2.09 -16.76 18.98
N ALA B 201 -0.88 -16.29 19.40
CA ALA B 201 0.37 -16.91 18.96
C ALA B 201 0.46 -18.35 19.48
N VAL B 202 1.00 -19.26 18.65
CA VAL B 202 1.14 -20.68 18.97
C VAL B 202 2.64 -21.03 18.84
N GLY B 203 3.23 -21.54 19.92
CA GLY B 203 4.63 -21.95 19.91
C GLY B 203 4.89 -23.07 18.91
N GLY B 204 5.78 -22.82 17.96
CA GLY B 204 6.16 -23.80 16.95
C GLY B 204 7.58 -24.30 17.13
N ALA B 205 8.08 -24.27 18.39
CA ALA B 205 9.43 -24.73 18.77
C ALA B 205 9.56 -26.26 18.59
N ALA B 206 10.81 -26.79 18.49
CA ALA B 206 11.09 -28.22 18.29
C ALA B 206 10.31 -29.10 19.29
N GLY B 207 9.46 -29.97 18.75
CA GLY B 207 8.63 -30.88 19.55
C GLY B 207 7.18 -30.48 19.74
N SER B 208 6.77 -29.28 19.28
CA SER B 208 5.40 -28.78 19.37
C SER B 208 4.41 -29.51 18.45
N ASN B 209 4.88 -30.16 17.37
CA ASN B 209 4.05 -30.93 16.43
C ASN B 209 3.44 -32.21 17.09
N GLN B 210 3.88 -32.53 18.30
CA GLN B 210 3.41 -33.64 19.15
C GLN B 210 2.07 -33.30 19.84
N TYR B 211 1.73 -31.99 19.95
CA TYR B 211 0.53 -31.50 20.65
C TYR B 211 -0.51 -30.84 19.76
N VAL B 212 -0.06 -29.95 18.85
CA VAL B 212 -0.92 -29.21 17.91
C VAL B 212 -0.33 -29.32 16.52
N ALA B 213 -1.17 -29.67 15.52
CA ALA B 213 -0.79 -29.77 14.13
C ALA B 213 -0.30 -28.40 13.63
N LEU B 214 0.78 -28.37 12.82
CA LEU B 214 1.35 -27.12 12.27
C LEU B 214 0.24 -26.24 11.68
N THR B 215 0.18 -24.99 12.14
CA THR B 215 -0.83 -24.02 11.69
C THR B 215 -0.20 -22.70 11.30
N GLY B 216 -0.67 -22.15 10.20
CA GLY B 216 -0.19 -20.86 9.73
C GLY B 216 -0.68 -19.69 10.58
N VAL B 217 -0.18 -18.50 10.29
CA VAL B 217 -0.62 -17.34 11.04
C VAL B 217 -2.02 -16.89 10.58
N LYS B 218 -2.41 -17.31 9.33
CA LYS B 218 -3.72 -17.08 8.72
C LYS B 218 -4.81 -17.75 9.57
N ASP B 219 -4.56 -18.98 10.09
CA ASP B 219 -5.51 -19.72 10.96
C ASP B 219 -5.69 -19.03 12.31
N GLN B 220 -4.65 -18.33 12.80
CA GLN B 220 -4.71 -17.59 14.06
C GLN B 220 -5.65 -16.39 13.89
N VAL B 221 -5.58 -15.72 12.71
CA VAL B 221 -6.43 -14.58 12.39
C VAL B 221 -7.89 -15.05 12.31
N LEU B 222 -8.15 -16.14 11.55
CA LEU B 222 -9.48 -16.73 11.44
C LEU B 222 -10.06 -17.12 12.79
N SER B 223 -9.27 -17.79 13.64
CA SER B 223 -9.68 -18.20 15.00
C SER B 223 -10.05 -16.95 15.82
N TYR B 224 -9.17 -15.93 15.81
CA TYR B 224 -9.40 -14.69 16.52
C TYR B 224 -10.76 -14.06 16.17
N LEU B 225 -11.06 -13.93 14.87
CA LEU B 225 -12.29 -13.36 14.35
C LEU B 225 -13.54 -14.09 14.82
N THR B 226 -13.46 -15.42 15.02
CA THR B 226 -14.60 -16.19 15.54
C THR B 226 -14.83 -15.86 17.02
N TYR B 227 -13.75 -15.70 17.83
CA TYR B 227 -13.88 -15.31 19.23
C TYR B 227 -14.34 -13.87 19.36
N ALA B 228 -13.84 -12.96 18.49
CA ALA B 228 -14.19 -11.54 18.49
C ALA B 228 -15.69 -11.34 18.18
N LYS B 229 -16.29 -12.29 17.42
CA LYS B 229 -17.72 -12.25 17.07
C LYS B 229 -18.59 -12.42 18.30
N MET B 230 -18.10 -13.15 19.31
CA MET B 230 -18.81 -13.41 20.55
C MET B 230 -18.65 -12.28 21.58
N ALA B 231 -17.71 -11.35 21.33
CA ALA B 231 -17.45 -10.19 22.20
C ALA B 231 -18.55 -9.14 22.02
N LYS B 232 -18.73 -8.28 23.01
CA LYS B 232 -19.75 -7.23 22.93
C LYS B 232 -19.08 -5.90 22.58
N ASN B 233 -19.77 -5.08 21.75
CA ASN B 233 -19.34 -3.74 21.33
C ASN B 233 -17.90 -3.75 20.79
N TYR B 234 -17.49 -4.85 20.12
CA TYR B 234 -16.12 -4.95 19.63
C TYR B 234 -15.91 -4.11 18.38
N LYS B 235 -14.91 -3.21 18.43
CA LYS B 235 -14.53 -2.33 17.31
C LYS B 235 -13.08 -2.64 16.94
N PRO B 236 -12.84 -3.33 15.81
CA PRO B 236 -11.45 -3.72 15.44
C PRO B 236 -10.45 -2.56 15.31
N GLU B 237 -10.93 -1.32 15.04
CA GLU B 237 -10.11 -0.08 14.92
C GLU B 237 -9.44 0.26 16.24
N ASN B 238 -9.99 -0.21 17.37
CA ASN B 238 -9.46 0.09 18.70
C ASN B 238 -8.52 -0.97 19.21
N THR B 239 -8.15 -1.93 18.35
CA THR B 239 -7.21 -2.97 18.74
C THR B 239 -5.85 -2.68 18.13
N LEU B 240 -4.78 -2.93 18.90
CA LEU B 240 -3.43 -2.87 18.35
C LEU B 240 -3.08 -4.32 18.08
N PHE B 241 -2.89 -4.66 16.81
CA PHE B 241 -2.49 -6.02 16.45
C PHE B 241 -1.00 -6.13 16.32
N THR B 242 -0.41 -7.23 16.78
CA THR B 242 1.01 -7.48 16.62
C THR B 242 1.14 -8.75 15.82
N LEU B 243 2.08 -8.81 14.91
CA LEU B 243 2.29 -10.01 14.13
C LEU B 243 3.77 -10.22 13.87
N GLU B 244 4.30 -11.38 14.27
CA GLU B 244 5.66 -11.82 14.01
C GLU B 244 5.61 -13.29 13.65
N PHE B 245 6.19 -13.69 12.52
CA PHE B 245 6.09 -15.09 12.13
C PHE B 245 7.18 -15.48 11.16
N GLY B 246 7.50 -16.77 11.10
CA GLY B 246 8.46 -17.30 10.14
C GLY B 246 9.61 -18.10 10.71
N LEU B 247 10.14 -17.68 11.88
CA LEU B 247 11.29 -18.32 12.52
C LEU B 247 11.09 -19.81 12.82
N ASN B 248 10.02 -20.17 13.56
CA ASN B 248 9.69 -21.58 13.87
C ASN B 248 9.44 -22.39 12.59
N ASP B 249 8.75 -21.79 11.58
CA ASP B 249 8.47 -22.41 10.27
C ASP B 249 9.73 -22.73 9.51
N PHE B 250 10.70 -21.78 9.45
CA PHE B 250 11.97 -21.99 8.75
C PHE B 250 12.89 -22.99 9.44
N MET B 251 12.90 -22.99 10.78
CA MET B 251 13.80 -23.84 11.55
C MET B 251 13.29 -25.19 11.97
N ASN B 252 12.01 -25.34 12.30
CA ASN B 252 11.51 -26.64 12.77
C ASN B 252 10.64 -27.36 11.75
N TYR B 253 10.06 -26.63 10.79
CA TYR B 253 9.19 -27.26 9.80
C TYR B 253 9.76 -27.23 8.40
N ASN B 254 11.02 -26.76 8.25
CA ASN B 254 11.74 -26.68 6.96
C ASN B 254 10.84 -26.06 5.83
N ARG B 255 10.07 -25.02 6.21
CA ARG B 255 9.13 -24.37 5.30
C ARG B 255 9.84 -23.54 4.25
N GLU B 256 9.26 -23.52 3.04
CA GLU B 256 9.77 -22.72 1.94
C GLU B 256 9.28 -21.28 2.12
N VAL B 257 10.12 -20.32 1.72
CA VAL B 257 9.81 -18.89 1.79
C VAL B 257 8.45 -18.55 1.13
N VAL B 258 8.18 -19.15 -0.04
CA VAL B 258 6.97 -18.91 -0.83
C VAL B 258 5.67 -19.20 -0.02
N ASP B 259 5.70 -20.27 0.77
CA ASP B 259 4.59 -20.73 1.60
C ASP B 259 4.40 -19.84 2.81
N VAL B 260 5.52 -19.40 3.42
CA VAL B 260 5.48 -18.48 4.57
C VAL B 260 4.96 -17.10 4.09
N LYS B 261 5.40 -16.61 2.89
CA LYS B 261 4.94 -15.36 2.24
C LYS B 261 3.42 -15.39 2.03
N THR B 262 2.92 -16.50 1.47
CA THR B 262 1.48 -16.71 1.20
C THR B 262 0.65 -16.66 2.46
N ASP B 263 1.08 -17.37 3.49
CA ASP B 263 0.39 -17.43 4.77
C ASP B 263 0.36 -16.03 5.44
N PHE B 264 1.52 -15.38 5.52
CA PHE B 264 1.69 -14.05 6.10
C PHE B 264 0.82 -13.01 5.34
N SER B 265 0.96 -12.95 4.01
CA SER B 265 0.18 -12.06 3.14
C SER B 265 -1.35 -12.23 3.32
N THR B 266 -1.83 -13.50 3.35
CA THR B 266 -3.24 -13.88 3.52
C THR B 266 -3.76 -13.45 4.89
N ALA B 267 -2.94 -13.58 5.94
CA ALA B 267 -3.28 -13.17 7.29
C ALA B 267 -3.54 -11.68 7.32
N LEU B 268 -2.66 -10.87 6.69
CA LEU B 268 -2.83 -9.41 6.65
C LEU B 268 -4.03 -8.98 5.83
N ILE B 269 -4.29 -9.68 4.73
CA ILE B 269 -5.46 -9.44 3.90
C ILE B 269 -6.74 -9.66 4.74
N LYS B 270 -6.84 -10.81 5.45
CA LYS B 270 -8.02 -11.13 6.29
C LYS B 270 -8.16 -10.14 7.42
N LEU B 271 -7.04 -9.82 8.09
CA LEU B 271 -7.02 -8.91 9.23
C LEU B 271 -7.50 -7.49 8.86
N THR B 272 -6.96 -6.91 7.76
CA THR B 272 -7.35 -5.58 7.29
C THR B 272 -8.77 -5.59 6.73
N ASP B 273 -9.16 -6.67 6.04
CA ASP B 273 -10.53 -6.80 5.55
C ASP B 273 -11.53 -6.84 6.71
N ALA B 274 -11.14 -7.41 7.86
CA ALA B 274 -11.99 -7.46 9.05
C ALA B 274 -12.05 -6.12 9.83
N GLY B 275 -11.41 -5.06 9.32
CA GLY B 275 -11.45 -3.75 9.97
C GLY B 275 -10.25 -3.37 10.82
N ALA B 276 -9.15 -4.17 10.79
CA ALA B 276 -7.93 -3.80 11.53
C ALA B 276 -7.34 -2.53 10.90
N LYS B 277 -6.85 -1.62 11.75
CA LYS B 277 -6.24 -0.38 11.26
C LYS B 277 -4.85 -0.20 11.83
N ASN B 278 -4.60 -0.71 13.09
CA ASN B 278 -3.35 -0.51 13.83
C ASN B 278 -2.61 -1.80 13.96
N ILE B 279 -1.49 -1.94 13.22
CA ILE B 279 -0.74 -3.18 13.19
C ILE B 279 0.74 -2.94 13.34
N MET B 280 1.37 -3.75 14.18
CA MET B 280 2.80 -3.74 14.46
CA MET B 280 2.81 -3.67 14.27
C MET B 280 3.41 -4.97 13.80
N LEU B 281 4.32 -4.80 12.92
CA LEU B 281 5.02 -5.89 12.22
C LEU B 281 6.48 -5.84 12.65
N MET B 282 7.17 -6.96 12.52
CA MET B 282 8.59 -6.99 12.86
CA MET B 282 8.55 -7.16 13.00
C MET B 282 9.38 -7.96 11.99
N THR B 283 10.63 -7.57 11.74
CA THR B 283 11.54 -8.37 10.94
C THR B 283 12.07 -9.47 11.87
N LEU B 284 12.48 -10.57 11.28
CA LEU B 284 12.97 -11.72 12.02
C LEU B 284 14.43 -11.57 12.35
N PRO B 285 14.81 -11.77 13.64
CA PRO B 285 16.23 -11.78 14.01
C PRO B 285 16.93 -12.98 13.33
N ASP B 286 18.23 -12.85 13.02
CA ASP B 286 18.96 -13.95 12.40
C ASP B 286 19.25 -15.03 13.45
N ALA B 287 18.42 -16.07 13.42
CA ALA B 287 18.51 -17.21 14.31
C ALA B 287 19.84 -17.97 14.19
N THR B 288 20.59 -17.79 13.07
CA THR B 288 21.88 -18.46 12.87
C THR B 288 22.99 -17.86 13.77
N LYS B 289 22.69 -16.73 14.44
CA LYS B 289 23.59 -16.10 15.41
C LYS B 289 23.43 -16.74 16.78
N ALA B 290 22.41 -17.62 16.96
CA ALA B 290 22.11 -18.31 18.23
C ALA B 290 23.11 -19.47 18.55
N PRO B 291 23.30 -19.85 19.85
CA PRO B 291 24.28 -20.89 20.19
C PRO B 291 24.11 -22.26 19.52
N GLN B 292 22.89 -22.58 19.06
CA GLN B 292 22.60 -23.84 18.38
C GLN B 292 23.46 -24.02 17.10
N PHE B 293 23.76 -22.89 16.39
CA PHE B 293 24.52 -22.86 15.14
C PHE B 293 26.05 -22.72 15.31
N LYS B 294 26.59 -22.80 16.55
CA LYS B 294 28.04 -22.74 16.84
C LYS B 294 28.83 -23.84 16.14
N TYR B 295 28.25 -25.06 16.08
CA TYR B 295 28.90 -26.22 15.46
C TYR B 295 28.48 -26.48 14.00
N SER B 296 27.43 -25.77 13.51
CA SER B 296 26.88 -25.89 12.15
C SER B 296 27.86 -25.51 11.03
N THR B 297 27.67 -26.12 9.82
CA THR B 297 28.47 -25.82 8.62
C THR B 297 27.97 -24.53 8.02
N GLN B 298 28.78 -23.91 7.15
CA GLN B 298 28.37 -22.69 6.47
C GLN B 298 27.14 -22.93 5.59
N ALA B 299 27.06 -24.12 4.95
CA ALA B 299 25.93 -24.51 4.11
C ALA B 299 24.61 -24.52 4.90
N GLU B 300 24.65 -25.06 6.15
CA GLU B 300 23.53 -25.13 7.10
C GLU B 300 23.07 -23.72 7.56
N ILE B 301 24.05 -22.83 7.87
CA ILE B 301 23.84 -21.45 8.29
C ILE B 301 23.24 -20.62 7.15
N GLU B 302 23.88 -20.68 5.95
CA GLU B 302 23.47 -19.98 4.73
C GLU B 302 22.04 -20.29 4.29
N LYS B 303 21.62 -21.57 4.36
CA LYS B 303 20.27 -22.02 4.03
C LYS B 303 19.19 -21.34 4.90
N VAL B 304 19.42 -21.24 6.22
CA VAL B 304 18.47 -20.61 7.14
C VAL B 304 18.54 -19.08 7.00
N ARG B 305 19.77 -18.51 6.96
CA ARG B 305 19.99 -17.07 6.85
C ARG B 305 19.37 -16.50 5.57
N ALA B 306 19.56 -17.18 4.41
CA ALA B 306 18.99 -16.75 3.13
C ALA B 306 17.49 -16.59 3.23
N LYS B 307 16.80 -17.55 3.90
CA LYS B 307 15.35 -17.52 4.10
C LYS B 307 14.91 -16.32 4.92
N ILE B 308 15.63 -16.04 6.04
CA ILE B 308 15.34 -14.93 6.95
C ILE B 308 15.49 -13.58 6.23
N VAL B 309 16.61 -13.40 5.53
CA VAL B 309 16.97 -12.18 4.79
C VAL B 309 15.90 -11.88 3.71
N GLU B 310 15.53 -12.91 2.93
CA GLU B 310 14.52 -12.78 1.88
C GLU B 310 13.15 -12.44 2.49
N PHE B 311 12.78 -13.15 3.56
CA PHE B 311 11.50 -12.93 4.22
C PHE B 311 11.44 -11.54 4.86
N ASN B 312 12.57 -11.05 5.38
CA ASN B 312 12.61 -9.71 6.01
C ASN B 312 12.35 -8.59 5.02
N GLU B 313 12.84 -8.73 3.76
CA GLU B 313 12.58 -7.75 2.70
C GLU B 313 11.13 -7.76 2.33
N PHE B 314 10.49 -8.93 2.35
CA PHE B 314 9.09 -9.11 2.04
C PHE B 314 8.22 -8.43 3.15
N ILE B 315 8.57 -8.64 4.43
CA ILE B 315 7.86 -8.02 5.58
C ILE B 315 7.87 -6.48 5.46
N LYS B 316 9.05 -5.90 5.13
CA LYS B 316 9.21 -4.45 4.93
C LYS B 316 8.32 -3.93 3.79
N ALA B 317 8.28 -4.69 2.66
CA ALA B 317 7.49 -4.30 1.49
C ALA B 317 6.02 -4.43 1.77
N GLN B 318 5.64 -5.40 2.63
CA GLN B 318 4.24 -5.61 3.07
C GLN B 318 3.80 -4.43 3.92
N ALA B 319 4.67 -3.94 4.81
CA ALA B 319 4.36 -2.80 5.68
C ALA B 319 4.16 -1.54 4.80
N ALA B 320 5.06 -1.31 3.81
CA ALA B 320 4.93 -0.18 2.88
C ALA B 320 3.62 -0.28 2.05
N PHE B 321 3.28 -1.51 1.59
CA PHE B 321 2.05 -1.79 0.84
C PHE B 321 0.79 -1.39 1.63
N TYR B 322 0.75 -1.62 2.96
CA TYR B 322 -0.41 -1.22 3.73
C TYR B 322 -0.39 0.25 4.08
N ILE B 323 0.78 0.81 4.32
CA ILE B 323 0.89 2.25 4.60
C ILE B 323 0.38 3.08 3.43
N ILE B 324 0.76 2.76 2.17
CA ILE B 324 0.30 3.54 1.00
C ILE B 324 -1.21 3.41 0.77
N GLN B 325 -1.87 2.43 1.42
CA GLN B 325 -3.33 2.25 1.36
C GLN B 325 -4.01 3.02 2.52
N GLY B 326 -3.22 3.64 3.41
CA GLY B 326 -3.72 4.44 4.52
C GLY B 326 -3.83 3.70 5.84
N TYR B 327 -3.28 2.48 5.93
CA TYR B 327 -3.28 1.74 7.20
C TYR B 327 -2.23 2.23 8.15
N ASN B 328 -2.56 2.17 9.43
CA ASN B 328 -1.62 2.63 10.43
C ASN B 328 -0.70 1.50 10.89
N ILE B 329 0.30 1.21 10.05
CA ILE B 329 1.31 0.15 10.30
C ILE B 329 2.57 0.74 10.90
N THR B 330 3.20 -0.04 11.79
CA THR B 330 4.50 0.23 12.35
C THR B 330 5.33 -1.02 12.08
N LEU B 331 6.56 -0.84 11.64
CA LEU B 331 7.49 -1.94 11.39
C LEU B 331 8.71 -1.75 12.30
N TYR B 332 8.94 -2.66 13.24
CA TYR B 332 10.12 -2.55 14.08
C TYR B 332 11.23 -3.50 13.55
N ASP B 333 12.44 -2.98 13.33
CA ASP B 333 13.56 -3.77 12.82
C ASP B 333 14.21 -4.57 13.93
N THR B 334 13.57 -5.66 14.31
CA THR B 334 14.11 -6.55 15.36
C THR B 334 15.35 -7.26 14.84
N HIS B 335 15.44 -7.49 13.51
CA HIS B 335 16.63 -8.10 12.91
C HIS B 335 17.88 -7.25 13.26
N GLY B 336 17.82 -5.94 12.98
CA GLY B 336 18.89 -4.99 13.23
C GLY B 336 19.23 -4.84 14.69
N LEU B 337 18.22 -4.76 15.56
CA LEU B 337 18.42 -4.65 17.02
C LEU B 337 19.16 -5.88 17.55
N PHE B 338 18.77 -7.05 17.07
CA PHE B 338 19.37 -8.30 17.47
C PHE B 338 20.81 -8.43 16.99
N GLU B 339 21.13 -7.90 15.79
CA GLU B 339 22.49 -7.88 15.25
C GLU B 339 23.41 -7.08 16.19
N GLN B 340 22.94 -5.87 16.59
CA GLN B 340 23.59 -4.89 17.49
C GLN B 340 23.90 -5.55 18.85
N LEU B 341 22.90 -6.29 19.36
CA LEU B 341 22.89 -7.01 20.63
C LEU B 341 23.91 -8.13 20.65
N THR B 342 23.88 -9.03 19.67
CA THR B 342 24.81 -10.17 19.61
C THR B 342 26.27 -9.76 19.31
N GLN B 343 26.51 -8.61 18.62
CA GLN B 343 27.87 -8.16 18.27
C GLN B 343 28.56 -7.30 19.36
N ASN B 344 27.80 -6.55 20.19
CA ASN B 344 28.34 -5.78 21.31
C ASN B 344 27.38 -5.88 22.52
N PRO B 345 27.19 -7.09 23.10
CA PRO B 345 26.26 -7.22 24.23
C PRO B 345 26.50 -6.27 25.40
N GLN B 346 27.78 -5.99 25.73
CA GLN B 346 28.22 -5.13 26.84
C GLN B 346 27.67 -3.70 26.71
N GLN B 347 27.50 -3.20 25.47
CA GLN B 347 26.95 -1.88 25.15
C GLN B 347 25.46 -1.80 25.54
N HIS B 348 24.79 -2.96 25.58
CA HIS B 348 23.35 -3.05 25.85
C HIS B 348 22.98 -3.68 27.20
N GLY B 349 23.92 -3.70 28.14
CA GLY B 349 23.72 -4.21 29.48
C GLY B 349 23.88 -5.71 29.67
N PHE B 350 24.30 -6.43 28.61
CA PHE B 350 24.49 -7.88 28.59
C PHE B 350 25.96 -8.30 28.68
N VAL B 351 26.22 -9.47 29.30
CA VAL B 351 27.59 -10.00 29.48
C VAL B 351 27.92 -11.08 28.43
N ASN B 352 26.95 -11.93 28.08
CA ASN B 352 27.14 -13.07 27.19
C ASN B 352 26.01 -13.19 26.14
N ALA B 353 26.41 -13.24 24.85
CA ALA B 353 25.52 -13.40 23.70
C ALA B 353 25.96 -14.63 22.87
N SER B 354 26.79 -15.52 23.45
CA SER B 354 27.31 -16.67 22.71
C SER B 354 26.94 -18.03 23.28
N ASP B 355 26.50 -18.09 24.54
CA ASP B 355 26.15 -19.36 25.16
C ASP B 355 24.73 -19.36 25.70
N ALA B 356 24.16 -20.56 25.83
CA ALA B 356 22.87 -20.78 26.46
C ALA B 356 23.15 -20.57 27.92
N CYS B 357 22.19 -19.95 28.62
CA CYS B 357 22.30 -19.73 30.05
C CYS B 357 22.11 -21.08 30.76
N LEU B 358 21.24 -21.93 30.20
CA LEU B 358 20.95 -23.27 30.71
C LEU B 358 22.10 -24.22 30.36
N ASN B 359 22.29 -25.23 31.22
CA ASN B 359 23.30 -26.26 31.06
C ASN B 359 22.74 -27.38 30.18
N ILE B 360 22.98 -27.28 28.87
CA ILE B 360 22.49 -28.24 27.88
C ILE B 360 23.61 -28.70 26.94
N ASN B 361 23.81 -30.03 26.84
CA ASN B 361 24.86 -30.65 26.02
C ASN B 361 24.28 -31.26 24.74
N SER B 365 20.35 -31.24 19.26
CA SER B 365 19.07 -30.55 19.06
C SER B 365 18.58 -29.76 20.31
N ALA B 366 17.32 -29.24 20.28
CA ALA B 366 16.74 -28.45 21.38
C ALA B 366 15.53 -29.13 22.02
N ASP B 367 15.57 -29.21 23.37
CA ASP B 367 14.53 -29.83 24.17
C ASP B 367 13.78 -28.82 25.02
N TYR B 368 12.44 -28.98 25.03
CA TYR B 368 11.50 -28.16 25.76
C TYR B 368 10.64 -29.03 26.72
N LEU B 369 10.92 -30.32 26.79
CA LEU B 369 10.18 -31.23 27.68
C LEU B 369 10.83 -31.45 29.06
N TYR B 370 12.16 -31.46 29.12
CA TYR B 370 12.89 -31.72 30.36
C TYR B 370 13.32 -30.47 31.10
N SER B 371 13.66 -30.66 32.37
CA SER B 371 14.13 -29.61 33.26
C SER B 371 15.66 -29.48 33.11
N HIS B 372 16.17 -28.24 33.08
CA HIS B 372 17.60 -27.98 33.00
C HIS B 372 18.00 -26.94 34.03
N SER B 373 19.22 -27.07 34.57
CA SER B 373 19.79 -26.12 35.51
C SER B 373 20.59 -25.08 34.77
N LEU B 374 20.88 -23.95 35.43
CA LEU B 374 21.71 -22.90 34.86
C LEU B 374 23.14 -23.37 34.97
N THR B 375 24.01 -22.94 34.05
CA THR B 375 25.43 -23.24 34.16
C THR B 375 25.93 -22.41 35.36
N ASN B 376 27.13 -22.69 35.86
CA ASN B 376 27.65 -21.92 36.99
C ASN B 376 27.92 -20.48 36.55
N GLU B 377 28.40 -20.32 35.31
CA GLU B 377 28.69 -19.03 34.66
C GLU B 377 27.43 -18.16 34.58
N CYS B 378 26.28 -18.76 34.18
CA CYS B 378 25.04 -17.97 34.14
C CYS B 378 24.54 -17.60 35.52
N ALA B 379 24.63 -18.51 36.51
CA ALA B 379 24.21 -18.26 37.89
C ALA B 379 25.05 -17.11 38.50
N THR B 380 26.34 -17.01 38.11
CA THR B 380 27.30 -15.98 38.53
C THR B 380 26.89 -14.58 38.03
N HIS B 381 26.62 -14.44 36.72
CA HIS B 381 26.26 -13.16 36.12
C HIS B 381 24.80 -12.80 36.17
N SER B 382 23.91 -13.81 36.32
CA SER B 382 22.44 -13.79 36.31
C SER B 382 21.92 -13.94 34.86
N SER B 383 20.70 -14.48 34.70
CA SER B 383 20.07 -14.67 33.39
C SER B 383 19.68 -13.33 32.74
N ASP B 384 19.66 -12.25 33.53
CA ASP B 384 19.36 -10.90 33.02
C ASP B 384 20.55 -10.32 32.23
N LYS B 385 21.73 -10.93 32.34
CA LYS B 385 22.92 -10.51 31.60
C LYS B 385 23.23 -11.47 30.42
N TYR B 386 22.32 -12.43 30.14
CA TYR B 386 22.49 -13.36 29.02
C TYR B 386 21.47 -13.09 27.94
N VAL B 387 21.89 -13.23 26.69
CA VAL B 387 20.99 -13.04 25.56
C VAL B 387 20.14 -14.30 25.39
N PHE B 388 20.74 -15.49 25.53
CA PHE B 388 20.06 -16.76 25.31
C PHE B 388 19.78 -17.56 26.56
N TRP B 389 18.55 -18.08 26.65
CA TRP B 389 18.09 -18.92 27.76
C TRP B 389 18.57 -20.33 27.46
N ASN B 390 18.09 -20.91 26.34
CA ASN B 390 18.57 -22.19 25.84
C ASN B 390 19.42 -21.88 24.58
N VAL B 391 19.65 -22.89 23.73
CA VAL B 391 20.44 -22.77 22.50
C VAL B 391 19.79 -21.91 21.40
N THR B 392 18.50 -21.51 21.53
CA THR B 392 17.83 -20.71 20.48
C THR B 392 16.97 -19.55 20.98
N HIS B 393 16.25 -19.76 22.07
CA HIS B 393 15.34 -18.76 22.61
C HIS B 393 16.02 -17.76 23.53
N PRO B 394 15.71 -16.46 23.33
CA PRO B 394 16.30 -15.43 24.18
C PRO B 394 15.70 -15.36 25.59
N THR B 395 16.40 -14.72 26.50
CA THR B 395 15.96 -14.51 27.89
C THR B 395 14.90 -13.41 27.92
N THR B 396 14.21 -13.27 29.06
CA THR B 396 13.18 -12.25 29.27
C THR B 396 13.80 -10.85 29.25
N ALA B 397 15.12 -10.72 29.60
CA ALA B 397 15.84 -9.45 29.57
C ALA B 397 15.95 -8.93 28.15
N VAL B 398 16.06 -9.86 27.16
CA VAL B 398 16.09 -9.54 25.73
C VAL B 398 14.72 -9.05 25.29
N HIS B 399 13.65 -9.76 25.71
CA HIS B 399 12.28 -9.38 25.39
C HIS B 399 11.97 -7.97 25.96
N LYS B 400 12.44 -7.69 27.19
CA LYS B 400 12.27 -6.41 27.86
C LYS B 400 13.02 -5.34 27.08
N TYR B 401 14.24 -5.65 26.66
CA TYR B 401 15.09 -4.74 25.88
C TYR B 401 14.42 -4.36 24.55
N ILE B 402 13.85 -5.37 23.85
CA ILE B 402 13.14 -5.17 22.59
C ILE B 402 11.93 -4.25 22.82
N ALA B 403 11.12 -4.54 23.83
CA ALA B 403 9.94 -3.72 24.17
C ALA B 403 10.31 -2.27 24.51
N GLU B 404 11.42 -2.07 25.26
CA GLU B 404 11.94 -0.74 25.61
C GLU B 404 12.35 0.03 24.36
N LYS B 405 12.98 -0.66 23.39
CA LYS B 405 13.37 -0.06 22.13
C LYS B 405 12.16 0.37 21.33
N MET B 406 11.11 -0.47 21.31
CA MET B 406 9.85 -0.18 20.60
C MET B 406 9.07 0.97 21.23
N LEU B 407 9.14 1.10 22.57
CA LEU B 407 8.40 2.12 23.32
C LEU B 407 9.15 3.47 23.38
N ALA B 408 10.38 3.52 22.85
CA ALA B 408 11.22 4.71 22.91
C ALA B 408 10.70 5.87 22.03
N PRO B 409 10.92 7.15 22.44
CA PRO B 409 10.49 8.28 21.60
C PRO B 409 10.95 8.20 20.14
N GLY B 410 10.00 8.34 19.23
CA GLY B 410 10.23 8.29 17.78
C GLY B 410 10.46 6.92 17.18
N ALA B 411 10.32 5.84 17.98
CA ALA B 411 10.56 4.47 17.51
C ALA B 411 9.42 3.80 16.74
N GLY B 412 8.22 4.38 16.79
CA GLY B 412 7.11 3.80 16.04
C GLY B 412 5.81 3.56 16.77
N MET B 413 5.87 3.31 18.08
CA MET B 413 4.67 3.12 18.89
C MET B 413 3.86 4.41 19.11
N GLN B 414 4.49 5.57 18.90
CA GLN B 414 3.82 6.88 19.00
C GLN B 414 2.86 7.09 17.81
N ARG B 415 2.85 6.17 16.84
CA ARG B 415 1.90 6.19 15.71
C ARG B 415 0.48 5.79 16.16
N PHE B 416 0.40 5.15 17.34
CA PHE B 416 -0.84 4.66 17.92
C PHE B 416 -1.32 5.54 19.06
N ASN B 417 -2.61 5.80 19.08
CA ASN B 417 -3.24 6.63 20.11
C ASN B 417 -3.85 5.71 21.20
N PHE B 418 -3.20 5.66 22.36
CA PHE B 418 -3.57 4.78 23.49
C PHE B 418 -4.45 5.43 24.54
N HIS B 419 -5.46 4.64 25.02
CA HIS B 419 -6.41 4.98 26.09
C HIS B 419 -5.77 4.74 27.47
N SER C 26 1.04 -29.51 -8.78
CA SER C 26 2.16 -28.85 -8.11
C SER C 26 3.45 -28.98 -8.95
N PRO C 27 4.03 -27.86 -9.44
CA PRO C 27 5.27 -27.96 -10.24
C PRO C 27 6.48 -28.54 -9.49
N GLU C 28 6.57 -28.30 -8.17
CA GLU C 28 7.66 -28.75 -7.29
C GLU C 28 7.68 -30.28 -7.11
N ALA C 29 6.56 -30.97 -7.42
CA ALA C 29 6.41 -32.41 -7.33
C ALA C 29 6.99 -33.14 -8.56
N ILE C 30 7.04 -32.44 -9.72
CA ILE C 30 7.56 -32.97 -10.99
C ILE C 30 9.06 -33.24 -10.90
N THR C 31 9.48 -34.48 -11.18
CA THR C 31 10.90 -34.86 -11.09
C THR C 31 11.62 -34.69 -12.43
N SER C 32 12.95 -34.56 -12.38
CA SER C 32 13.81 -34.44 -13.57
C SER C 32 13.68 -35.69 -14.46
N ALA C 33 13.37 -36.86 -13.84
CA ALA C 33 13.17 -38.15 -14.50
C ALA C 33 11.88 -38.10 -15.31
N GLN C 34 10.78 -37.56 -14.72
CA GLN C 34 9.47 -37.41 -15.38
C GLN C 34 9.58 -36.41 -16.54
N VAL C 35 10.41 -35.35 -16.36
CA VAL C 35 10.73 -34.30 -17.35
C VAL C 35 11.44 -34.97 -18.56
N PHE C 36 12.57 -35.67 -18.30
CA PHE C 36 13.35 -36.37 -19.32
C PHE C 36 12.51 -37.37 -20.10
N SER C 37 11.66 -38.14 -19.36
CA SER C 37 10.72 -39.11 -19.92
C SER C 37 9.69 -38.41 -20.86
N THR C 38 9.16 -37.24 -20.46
CA THR C 38 8.18 -36.49 -21.26
C THR C 38 8.81 -35.96 -22.57
N GLN C 39 9.96 -35.27 -22.42
CA GLN C 39 10.74 -34.67 -23.50
C GLN C 39 11.32 -35.66 -24.51
N SER C 40 11.51 -36.95 -24.10
CA SER C 40 12.08 -37.98 -24.96
C SER C 40 11.06 -38.66 -25.87
N LYS C 41 9.74 -38.54 -25.56
CA LYS C 41 8.67 -39.16 -26.34
C LYS C 41 8.37 -38.34 -27.60
N GLU C 42 9.37 -38.28 -28.51
CA GLU C 42 9.28 -37.54 -29.76
C GLU C 42 8.35 -38.21 -30.74
N THR C 43 7.40 -37.43 -31.23
CA THR C 43 6.39 -37.83 -32.20
C THR C 43 6.12 -36.66 -33.17
N TYR C 44 5.02 -36.74 -33.88
CA TYR C 44 4.58 -35.71 -34.81
C TYR C 44 3.10 -35.42 -34.61
N THR C 45 2.63 -34.28 -35.15
CA THR C 45 1.21 -33.94 -35.13
C THR C 45 0.89 -33.07 -36.34
N TYR C 46 -0.39 -32.84 -36.58
CA TYR C 46 -0.88 -32.02 -37.67
C TYR C 46 -1.29 -30.66 -37.12
N VAL C 47 -1.51 -29.70 -38.02
CA VAL C 47 -1.90 -28.35 -37.63
C VAL C 47 -3.29 -28.02 -38.18
N ARG C 48 -4.21 -27.65 -37.27
CA ARG C 48 -5.58 -27.24 -37.59
C ARG C 48 -5.57 -25.71 -37.70
N CYS C 49 -5.88 -25.17 -38.90
CA CYS C 49 -5.88 -23.74 -39.19
C CYS C 49 -7.31 -23.22 -39.17
N TRP C 50 -7.66 -22.40 -38.17
CA TRP C 50 -9.00 -21.80 -38.08
C TRP C 50 -9.04 -20.43 -38.72
N TYR C 51 -10.18 -20.02 -39.23
CA TYR C 51 -10.36 -18.68 -39.84
C TYR C 51 -11.81 -18.26 -39.80
N ARG C 52 -12.04 -16.94 -39.84
CA ARG C 52 -13.38 -16.37 -39.88
C ARG C 52 -13.88 -16.52 -41.32
N THR C 53 -15.04 -17.17 -41.48
CA THR C 53 -15.59 -17.41 -42.83
C THR C 53 -16.18 -16.14 -43.47
N GLY C 54 -16.81 -15.27 -42.67
CA GLY C 54 -17.40 -14.01 -43.12
C GLY C 54 -16.37 -12.93 -43.38
N ASN C 55 -16.74 -11.85 -44.08
CA ASN C 55 -15.79 -10.80 -44.44
C ASN C 55 -15.64 -9.67 -43.38
N SER C 56 -16.41 -9.71 -42.29
CA SER C 56 -16.28 -8.66 -41.27
C SER C 56 -16.39 -9.20 -39.85
N HIS C 57 -16.10 -8.33 -38.85
CA HIS C 57 -16.21 -8.61 -37.43
C HIS C 57 -17.66 -8.85 -36.99
N ASP C 58 -18.65 -8.50 -37.85
CA ASP C 58 -20.09 -8.71 -37.60
C ASP C 58 -20.41 -10.20 -37.59
N GLU C 59 -19.61 -11.01 -38.27
CA GLU C 59 -19.81 -12.45 -38.40
C GLU C 59 -18.70 -13.23 -37.66
N SER C 60 -19.09 -13.90 -36.55
CA SER C 60 -18.13 -14.64 -35.71
C SER C 60 -17.81 -16.07 -36.15
N ALA C 61 -18.66 -16.66 -37.02
CA ALA C 61 -18.53 -18.03 -37.55
C ALA C 61 -17.12 -18.31 -38.10
N THR C 62 -16.60 -19.46 -37.72
CA THR C 62 -15.26 -19.92 -38.11
C THR C 62 -15.34 -21.32 -38.67
N ASP C 63 -14.29 -21.71 -39.35
CA ASP C 63 -14.14 -23.05 -39.87
C ASP C 63 -12.63 -23.31 -39.90
N TRP C 64 -12.23 -24.51 -40.28
CA TRP C 64 -10.82 -24.86 -40.28
C TRP C 64 -10.48 -25.76 -41.41
N GLU C 65 -9.18 -25.86 -41.72
CA GLU C 65 -8.61 -26.82 -42.66
C GLU C 65 -7.26 -27.25 -42.10
N TRP C 66 -6.78 -28.41 -42.52
CA TRP C 66 -5.47 -28.88 -42.11
C TRP C 66 -4.41 -28.05 -42.84
N ALA C 67 -3.33 -27.65 -42.12
CA ALA C 67 -2.20 -26.93 -42.72
C ALA C 67 -1.55 -27.83 -43.78
N GLU C 68 -1.07 -27.23 -44.88
CA GLU C 68 -0.39 -27.99 -45.94
C GLU C 68 0.98 -27.39 -46.26
N ASN C 69 1.80 -28.17 -46.96
CA ASN C 69 3.07 -27.69 -47.49
C ASN C 69 2.76 -27.08 -48.88
N PRO C 70 3.65 -26.24 -49.46
CA PRO C 70 3.37 -25.70 -50.82
C PRO C 70 2.98 -26.74 -51.88
N ASP C 71 3.46 -28.00 -51.74
CA ASP C 71 3.18 -29.08 -52.70
C ASP C 71 1.79 -29.73 -52.51
N GLY C 72 1.08 -29.37 -51.44
CA GLY C 72 -0.25 -29.91 -51.16
C GLY C 72 -0.30 -31.04 -50.15
N SER C 73 0.88 -31.57 -49.76
CA SER C 73 0.95 -32.61 -48.75
C SER C 73 0.65 -31.96 -47.38
N TYR C 74 0.16 -32.75 -46.41
CA TYR C 74 -0.16 -32.25 -45.08
C TYR C 74 1.07 -31.76 -44.36
N PHE C 75 0.93 -30.62 -43.66
CA PHE C 75 2.05 -30.05 -42.91
C PHE C 75 2.06 -30.63 -41.51
N THR C 76 3.21 -31.22 -41.11
CA THR C 76 3.39 -31.80 -39.77
C THR C 76 4.47 -31.04 -39.03
N ILE C 77 4.45 -31.16 -37.70
CA ILE C 77 5.46 -30.59 -36.80
C ILE C 77 5.93 -31.70 -35.87
N ASP C 78 7.24 -31.73 -35.57
CA ASP C 78 7.80 -32.73 -34.67
C ASP C 78 7.83 -32.20 -33.26
N GLY C 79 7.73 -33.09 -32.28
CA GLY C 79 7.80 -32.71 -30.87
C GLY C 79 7.18 -33.72 -29.94
N TYR C 80 6.83 -33.27 -28.74
CA TYR C 80 6.23 -34.13 -27.71
C TYR C 80 5.05 -33.46 -27.05
N TRP C 81 4.16 -34.27 -26.47
CA TRP C 81 2.97 -33.84 -25.74
C TRP C 81 3.27 -33.77 -24.24
N TRP C 82 2.58 -32.85 -23.57
CA TRP C 82 2.62 -32.56 -22.15
C TRP C 82 2.54 -33.82 -21.28
N LEU C 87 -6.48 -34.89 -21.94
CA LEU C 87 -7.26 -34.08 -22.89
C LEU C 87 -6.87 -32.58 -22.86
N LYS C 88 -6.67 -31.99 -21.66
CA LYS C 88 -6.15 -30.62 -21.52
C LYS C 88 -4.64 -30.84 -21.68
N ASN C 89 -4.11 -30.54 -22.88
CA ASN C 89 -2.74 -30.88 -23.28
C ASN C 89 -1.97 -29.75 -23.99
N MET C 90 -0.68 -30.00 -24.35
CA MET C 90 0.15 -29.04 -25.07
C MET C 90 1.20 -29.75 -25.88
N PHE C 91 1.42 -29.30 -27.12
CA PHE C 91 2.44 -29.87 -27.99
C PHE C 91 3.67 -28.96 -27.98
N TYR C 92 4.84 -29.50 -27.66
CA TYR C 92 6.10 -28.73 -27.59
C TYR C 92 6.92 -29.05 -28.82
N THR C 93 7.19 -28.03 -29.67
CA THR C 93 7.96 -28.20 -30.91
C THR C 93 9.14 -27.20 -30.98
N ASN C 94 10.08 -27.43 -31.90
CA ASN C 94 11.18 -26.52 -32.17
C ASN C 94 10.79 -25.61 -33.37
N THR C 95 9.75 -25.98 -34.13
CA THR C 95 9.24 -25.20 -35.26
C THR C 95 8.71 -23.86 -34.73
N SER C 96 9.11 -22.77 -35.38
CA SER C 96 8.67 -21.44 -34.96
C SER C 96 7.17 -21.22 -35.27
N GLN C 97 6.55 -20.33 -34.49
CA GLN C 97 5.17 -19.90 -34.64
C GLN C 97 4.97 -19.22 -35.98
N ASN C 98 6.01 -18.49 -36.46
CA ASN C 98 6.04 -17.78 -37.75
C ASN C 98 5.87 -18.77 -38.90
N VAL C 99 6.63 -19.88 -38.88
CA VAL C 99 6.55 -20.93 -39.89
C VAL C 99 5.15 -21.57 -39.89
N ILE C 100 4.60 -21.90 -38.69
CA ILE C 100 3.27 -22.50 -38.56
C ILE C 100 2.19 -21.57 -39.15
N LYS C 101 2.21 -20.27 -38.73
CA LYS C 101 1.27 -19.25 -39.20
C LYS C 101 1.32 -19.08 -40.72
N GLN C 102 2.54 -19.05 -41.28
CA GLN C 102 2.76 -18.92 -42.71
C GLN C 102 2.10 -20.08 -43.47
N ARG C 103 2.24 -21.33 -42.96
CA ARG C 103 1.65 -22.54 -43.55
C ARG C 103 0.13 -22.44 -43.56
N CYS C 104 -0.47 -21.97 -42.45
CA CYS C 104 -1.91 -21.73 -42.34
C CYS C 104 -2.38 -20.66 -43.33
N GLU C 105 -1.69 -19.49 -43.39
CA GLU C 105 -2.01 -18.39 -44.30
C GLU C 105 -2.01 -18.80 -45.77
N GLU C 106 -0.97 -19.52 -46.21
CA GLU C 106 -0.84 -19.98 -47.58
C GLU C 106 -1.84 -21.09 -47.92
N THR C 107 -2.12 -22.01 -46.96
CA THR C 107 -3.08 -23.10 -47.18
C THR C 107 -4.51 -22.53 -47.35
N LEU C 108 -4.92 -21.67 -46.42
CA LEU C 108 -6.27 -21.11 -46.44
C LEU C 108 -6.53 -20.14 -47.59
N GLY C 109 -5.56 -19.28 -47.90
CA GLY C 109 -5.63 -18.27 -48.96
C GLY C 109 -6.79 -17.29 -48.84
N VAL C 110 -7.08 -16.81 -47.61
CA VAL C 110 -8.20 -15.91 -47.28
C VAL C 110 -8.05 -14.51 -47.90
N THR C 111 -9.11 -14.05 -48.56
CA THR C 111 -9.17 -12.80 -49.33
C THR C 111 -9.75 -11.60 -48.53
N HIS C 112 -9.76 -11.66 -47.17
CA HIS C 112 -10.26 -10.55 -46.36
C HIS C 112 -9.39 -10.23 -45.14
N ASP C 113 -9.48 -8.97 -44.68
CA ASP C 113 -8.74 -8.42 -43.54
C ASP C 113 -9.16 -9.00 -42.20
N ALA C 114 -10.38 -9.59 -42.11
CA ALA C 114 -10.84 -10.21 -40.86
C ALA C 114 -10.70 -11.74 -40.83
N ALA C 115 -9.79 -12.33 -41.66
CA ALA C 115 -9.47 -13.78 -41.70
C ALA C 115 -9.19 -14.26 -40.26
N ASP C 116 -8.40 -13.47 -39.50
CA ASP C 116 -8.11 -13.66 -38.09
C ASP C 116 -7.74 -15.10 -37.77
N ILE C 117 -6.79 -15.63 -38.54
CA ILE C 117 -6.30 -17.00 -38.44
C ILE C 117 -5.72 -17.34 -37.06
N THR C 118 -6.11 -18.50 -36.52
CA THR C 118 -5.57 -19.09 -35.29
C THR C 118 -5.25 -20.54 -35.63
N TYR C 119 -4.30 -21.18 -34.90
CA TYR C 119 -3.93 -22.56 -35.22
C TYR C 119 -3.64 -23.38 -33.99
N PHE C 120 -3.79 -24.70 -34.11
CA PHE C 120 -3.60 -25.61 -32.99
C PHE C 120 -3.04 -26.93 -33.48
N ALA C 121 -2.48 -27.72 -32.55
CA ALA C 121 -2.01 -29.07 -32.83
C ALA C 121 -3.24 -29.96 -32.65
N ALA C 122 -3.39 -30.95 -33.56
CA ALA C 122 -4.48 -31.92 -33.57
C ALA C 122 -4.01 -33.11 -34.41
N ASP C 123 -4.25 -34.33 -33.92
CA ASP C 123 -3.90 -35.56 -34.63
C ASP C 123 -4.94 -35.94 -35.66
N ASN C 124 -6.22 -35.61 -35.40
CA ASN C 124 -7.37 -35.92 -36.25
C ASN C 124 -8.51 -34.91 -35.98
N ARG C 125 -9.66 -35.07 -36.66
CA ARG C 125 -10.82 -34.18 -36.53
C ARG C 125 -11.46 -34.16 -35.14
N TRP C 126 -11.26 -35.25 -34.36
CA TRP C 126 -11.84 -35.39 -33.02
C TRP C 126 -10.98 -34.75 -31.93
N SER C 127 -9.74 -34.31 -32.25
CA SER C 127 -8.85 -33.68 -31.28
C SER C 127 -9.32 -32.29 -30.84
N TYR C 128 -9.09 -31.97 -29.59
CA TYR C 128 -9.39 -30.65 -29.03
C TYR C 128 -8.39 -29.68 -29.63
N ASN C 129 -8.61 -28.40 -29.43
CA ASN C 129 -7.66 -27.42 -29.93
C ASN C 129 -6.49 -27.35 -28.94
N HIS C 130 -5.36 -27.99 -29.27
CA HIS C 130 -4.18 -27.99 -28.40
C HIS C 130 -3.20 -26.89 -28.77
N THR C 131 -2.74 -26.18 -27.77
CA THR C 131 -1.75 -25.12 -27.94
C THR C 131 -0.41 -25.73 -28.35
N ILE C 132 0.23 -25.09 -29.33
CA ILE C 132 1.57 -25.44 -29.81
C ILE C 132 2.53 -24.47 -29.13
N TRP C 133 3.49 -25.01 -28.38
CA TRP C 133 4.50 -24.24 -27.68
C TRP C 133 5.81 -24.41 -28.44
N THR C 134 6.44 -23.29 -28.84
CA THR C 134 7.75 -23.35 -29.49
C THR C 134 8.80 -23.30 -28.39
N ASN C 135 9.56 -24.37 -28.25
CA ASN C 135 10.62 -24.45 -27.27
C ASN C 135 11.70 -23.44 -27.59
N ASP C 136 12.19 -22.75 -26.56
CA ASP C 136 13.23 -21.73 -26.67
C ASP C 136 14.58 -22.34 -27.00
N PRO C 137 15.45 -21.61 -27.73
CA PRO C 137 16.82 -22.13 -27.98
C PRO C 137 17.70 -21.95 -26.73
N VAL C 138 18.91 -22.54 -26.73
CA VAL C 138 19.85 -22.40 -25.60
C VAL C 138 20.30 -20.91 -25.47
N MET C 139 20.63 -20.27 -26.60
CA MET C 139 21.03 -18.88 -26.59
C MET C 139 19.83 -17.97 -26.74
N GLN C 140 19.56 -17.21 -25.67
CA GLN C 140 18.49 -16.23 -25.62
C GLN C 140 19.07 -14.89 -25.20
N ALA C 141 18.72 -13.82 -25.92
CA ALA C 141 19.10 -12.45 -25.54
C ALA C 141 18.28 -12.11 -24.27
N ASP C 142 18.66 -11.09 -23.50
CA ASP C 142 17.89 -10.71 -22.30
C ASP C 142 16.72 -9.84 -22.75
N GLN C 143 15.78 -10.46 -23.48
CA GLN C 143 14.62 -9.82 -24.12
C GLN C 143 13.39 -10.72 -24.03
N ILE C 144 12.22 -10.10 -24.03
CA ILE C 144 10.94 -10.81 -24.00
C ILE C 144 10.79 -11.60 -25.30
N ASN C 145 10.50 -12.92 -25.17
CA ASN C 145 10.33 -13.81 -26.34
C ASN C 145 8.97 -14.49 -26.37
N LYS C 146 8.09 -14.20 -25.40
CA LYS C 146 6.73 -14.74 -25.37
C LYS C 146 5.87 -13.98 -24.38
N ILE C 147 4.54 -14.07 -24.57
CA ILE C 147 3.57 -13.45 -23.66
C ILE C 147 2.77 -14.60 -23.08
N VAL C 148 2.62 -14.60 -21.76
CA VAL C 148 1.82 -15.59 -21.03
C VAL C 148 0.71 -14.84 -20.31
N ALA C 149 -0.53 -15.21 -20.61
CA ALA C 149 -1.70 -14.53 -20.08
C ALA C 149 -2.45 -15.30 -19.00
N PHE C 150 -2.77 -14.58 -17.92
CA PHE C 150 -3.58 -15.06 -16.81
C PHE C 150 -4.81 -14.16 -16.71
N GLY C 151 -5.93 -14.72 -16.35
CA GLY C 151 -7.12 -13.91 -16.22
C GLY C 151 -8.43 -14.62 -16.44
N ASP C 152 -9.43 -13.87 -16.92
CA ASP C 152 -10.75 -14.44 -17.06
C ASP C 152 -11.31 -14.31 -18.51
N SER C 153 -12.62 -14.08 -18.67
CA SER C 153 -13.26 -13.97 -19.99
C SER C 153 -12.77 -12.79 -20.82
N LEU C 154 -12.08 -11.81 -20.20
CA LEU C 154 -11.54 -10.68 -20.97
C LEU C 154 -10.24 -11.04 -21.67
N SER C 155 -9.63 -12.19 -21.30
CA SER C 155 -8.38 -12.66 -21.90
C SER C 155 -8.49 -14.05 -22.51
N ASP C 156 -9.45 -14.87 -22.09
CA ASP C 156 -9.53 -16.26 -22.55
C ASP C 156 -9.69 -16.41 -24.07
N THR C 157 -8.77 -17.17 -24.69
CA THR C 157 -8.75 -17.41 -26.14
C THR C 157 -9.23 -18.84 -26.53
N GLY C 158 -9.55 -19.70 -25.57
CA GLY C 158 -10.05 -21.03 -25.88
C GLY C 158 -10.09 -22.09 -24.82
N ASN C 159 -9.73 -21.77 -23.57
CA ASN C 159 -9.69 -22.77 -22.48
C ASN C 159 -11.07 -23.22 -22.01
N ILE C 160 -11.99 -22.31 -21.69
CA ILE C 160 -13.33 -22.76 -21.29
C ILE C 160 -14.05 -23.41 -22.51
N PHE C 161 -13.73 -22.95 -23.72
CA PHE C 161 -14.26 -23.47 -24.99
C PHE C 161 -13.93 -24.93 -25.18
N ASN C 162 -12.68 -25.34 -24.95
CA ASN C 162 -12.29 -26.75 -25.09
C ASN C 162 -12.95 -27.56 -23.98
N ALA C 163 -13.05 -26.99 -22.76
CA ALA C 163 -13.69 -27.64 -21.60
C ALA C 163 -15.20 -27.82 -21.81
N ALA C 164 -15.83 -26.91 -22.58
CA ALA C 164 -17.26 -26.93 -22.91
C ALA C 164 -17.53 -27.70 -24.20
N GLN C 165 -16.51 -28.40 -24.72
CA GLN C 165 -16.58 -29.21 -25.96
C GLN C 165 -17.06 -28.37 -27.16
N TRP C 166 -16.54 -27.12 -27.28
CA TRP C 166 -16.83 -26.17 -28.37
C TRP C 166 -18.27 -25.67 -28.39
N ARG C 167 -18.97 -25.75 -27.25
CA ARG C 167 -20.36 -25.30 -27.15
C ARG C 167 -20.51 -23.95 -26.46
N PHE C 168 -19.55 -23.60 -25.59
CA PHE C 168 -19.59 -22.39 -24.81
C PHE C 168 -18.25 -21.63 -24.89
N PRO C 169 -18.23 -20.36 -25.36
CA PRO C 169 -19.37 -19.60 -25.91
C PRO C 169 -19.69 -20.09 -27.32
N ASN C 170 -20.98 -19.99 -27.68
CA ASN C 170 -21.55 -20.40 -28.95
C ASN C 170 -20.70 -19.91 -30.14
N PRO C 171 -20.10 -20.88 -30.90
CA PRO C 171 -19.19 -20.52 -31.99
C PRO C 171 -19.81 -19.81 -33.21
N ASP C 172 -21.14 -19.65 -33.27
CA ASP C 172 -21.78 -18.88 -34.34
C ASP C 172 -21.86 -17.39 -33.98
N THR C 173 -21.91 -17.06 -32.68
CA THR C 173 -22.04 -15.68 -32.20
C THR C 173 -20.75 -15.14 -31.54
N TRP C 174 -19.90 -16.05 -31.05
CA TRP C 174 -18.68 -15.67 -30.35
C TRP C 174 -17.52 -16.28 -31.08
N PHE C 175 -16.52 -15.47 -31.37
CA PHE C 175 -15.37 -15.88 -32.17
C PHE C 175 -14.56 -16.99 -31.51
N LEU C 176 -14.73 -18.24 -32.03
CA LEU C 176 -14.00 -19.44 -31.60
C LEU C 176 -13.35 -19.37 -30.18
N GLY C 177 -14.17 -19.52 -29.16
CA GLY C 177 -13.71 -19.53 -27.77
C GLY C 177 -13.33 -18.22 -27.12
N HIS C 178 -13.42 -17.11 -27.86
CA HIS C 178 -13.13 -15.79 -27.29
C HIS C 178 -14.46 -15.22 -26.94
N PHE C 179 -14.50 -14.43 -25.87
CA PHE C 179 -15.73 -13.74 -25.41
C PHE C 179 -15.83 -12.37 -26.06
N SER C 180 -15.76 -12.37 -27.39
CA SER C 180 -15.90 -11.20 -28.26
C SER C 180 -16.23 -11.73 -29.67
N ASN C 181 -16.35 -10.83 -30.65
CA ASN C 181 -16.58 -11.14 -32.08
C ASN C 181 -15.25 -11.19 -32.84
N GLY C 182 -14.15 -11.25 -32.12
CA GLY C 182 -12.82 -11.35 -32.72
C GLY C 182 -11.75 -11.51 -31.65
N PHE C 183 -10.50 -11.10 -31.98
CA PHE C 183 -9.37 -11.19 -31.08
C PHE C 183 -9.55 -10.34 -29.83
N VAL C 184 -8.87 -10.74 -28.76
CA VAL C 184 -8.87 -10.00 -27.48
C VAL C 184 -7.56 -9.19 -27.40
N TRP C 185 -7.50 -8.26 -26.45
CA TRP C 185 -6.41 -7.31 -26.23
C TRP C 185 -5.01 -7.95 -26.22
N THR C 186 -4.86 -9.14 -25.60
CA THR C 186 -3.58 -9.86 -25.49
C THR C 186 -3.08 -10.30 -26.87
N GLU C 187 -4.00 -10.79 -27.74
CA GLU C 187 -3.69 -11.21 -29.11
C GLU C 187 -3.26 -10.01 -29.95
N TYR C 188 -3.88 -8.85 -29.76
CA TYR C 188 -3.48 -7.65 -30.49
C TYR C 188 -2.08 -7.17 -30.09
N ILE C 189 -1.73 -7.28 -28.79
CA ILE C 189 -0.37 -6.93 -28.29
C ILE C 189 0.64 -7.95 -28.84
N ALA C 190 0.32 -9.27 -28.79
CA ALA C 190 1.20 -10.32 -29.30
C ALA C 190 1.48 -10.14 -30.79
N GLN C 191 0.43 -9.81 -31.59
CA GLN C 191 0.55 -9.54 -33.02
C GLN C 191 1.42 -8.30 -33.28
N ALA C 192 1.21 -7.21 -32.49
CA ALA C 192 1.98 -5.98 -32.64
C ALA C 192 3.45 -6.23 -32.37
N LYS C 193 3.75 -7.10 -31.38
CA LYS C 193 5.12 -7.41 -30.97
C LYS C 193 5.71 -8.58 -31.73
N LYS C 194 4.90 -9.27 -32.58
CA LYS C 194 5.32 -10.44 -33.36
C LYS C 194 5.79 -11.56 -32.41
N LEU C 195 5.09 -11.75 -31.26
CA LEU C 195 5.47 -12.74 -30.26
C LEU C 195 4.39 -13.80 -30.05
N PRO C 196 4.76 -15.06 -29.69
CA PRO C 196 3.70 -16.03 -29.36
C PRO C 196 2.99 -15.65 -28.05
N LEU C 197 1.71 -15.95 -27.99
CA LEU C 197 0.86 -15.75 -26.84
C LEU C 197 0.37 -17.13 -26.39
N TYR C 198 0.63 -17.47 -25.14
CA TYR C 198 0.22 -18.73 -24.50
C TYR C 198 -0.73 -18.33 -23.40
N ASN C 199 -1.96 -18.72 -23.57
CA ASN C 199 -3.03 -18.32 -22.70
C ASN C 199 -3.45 -19.34 -21.65
N TRP C 200 -3.45 -18.92 -20.36
CA TRP C 200 -3.94 -19.69 -19.22
C TRP C 200 -5.23 -19.09 -18.64
N ALA C 201 -5.71 -17.95 -19.20
CA ALA C 201 -6.98 -17.34 -18.76
C ALA C 201 -8.15 -18.32 -19.02
N VAL C 202 -9.11 -18.34 -18.09
CA VAL C 202 -10.28 -19.22 -18.15
C VAL C 202 -11.51 -18.29 -18.08
N GLY C 203 -12.37 -18.38 -19.08
CA GLY C 203 -13.61 -17.61 -19.12
C GLY C 203 -14.53 -17.95 -17.97
N GLY C 204 -14.84 -16.97 -17.12
CA GLY C 204 -15.73 -17.16 -15.99
C GLY C 204 -17.06 -16.45 -16.18
N ALA C 205 -17.48 -16.30 -17.45
CA ALA C 205 -18.73 -15.64 -17.85
C ALA C 205 -19.95 -16.46 -17.38
N ALA C 206 -21.15 -15.83 -17.29
CA ALA C 206 -22.41 -16.47 -16.84
C ALA C 206 -22.65 -17.81 -17.56
N GLY C 207 -22.66 -18.90 -16.79
CA GLY C 207 -22.89 -20.24 -17.32
C GLY C 207 -21.66 -21.13 -17.45
N SER C 208 -20.46 -20.58 -17.19
CA SER C 208 -19.20 -21.33 -17.31
C SER C 208 -19.01 -22.39 -16.19
N ASN C 209 -19.78 -22.24 -15.08
CA ASN C 209 -19.83 -23.11 -13.88
C ASN C 209 -20.22 -24.56 -14.20
N GLN C 210 -20.97 -24.76 -15.29
CA GLN C 210 -21.39 -26.06 -15.80
C GLN C 210 -20.21 -26.87 -16.38
N TYR C 211 -18.99 -26.26 -16.50
CA TYR C 211 -17.78 -26.88 -17.06
C TYR C 211 -16.60 -26.94 -16.07
N VAL C 212 -15.79 -28.03 -16.16
CA VAL C 212 -14.63 -28.29 -15.29
C VAL C 212 -13.34 -27.60 -15.82
N ALA C 213 -12.91 -26.54 -15.09
CA ALA C 213 -11.75 -25.70 -15.40
C ALA C 213 -11.16 -25.04 -14.13
N LEU C 214 -9.97 -24.38 -14.24
CA LEU C 214 -9.28 -23.69 -13.13
C LEU C 214 -10.20 -22.59 -12.57
N THR C 215 -10.59 -22.66 -11.28
CA THR C 215 -11.56 -21.68 -10.73
C THR C 215 -10.98 -20.27 -10.47
N GLY C 216 -9.76 -20.20 -9.92
CA GLY C 216 -9.10 -18.94 -9.63
C GLY C 216 -7.79 -18.70 -10.37
N VAL C 217 -7.25 -17.50 -10.25
CA VAL C 217 -6.04 -17.07 -10.93
C VAL C 217 -4.76 -17.70 -10.35
N LYS C 218 -4.78 -18.11 -9.07
CA LYS C 218 -3.68 -18.81 -8.41
C LYS C 218 -3.51 -20.18 -9.06
N ASP C 219 -4.64 -20.87 -9.38
CA ASP C 219 -4.61 -22.20 -10.03
C ASP C 219 -4.07 -22.13 -11.44
N GLN C 220 -4.30 -21.00 -12.14
CA GLN C 220 -3.79 -20.76 -13.50
C GLN C 220 -2.24 -20.65 -13.44
N VAL C 221 -1.71 -19.96 -12.38
CA VAL C 221 -0.28 -19.81 -12.22
C VAL C 221 0.35 -21.18 -11.96
N LEU C 222 -0.23 -21.95 -11.02
CA LEU C 222 0.23 -23.30 -10.68
C LEU C 222 0.22 -24.21 -11.92
N SER C 223 -0.88 -24.20 -12.69
CA SER C 223 -1.02 -24.98 -13.92
C SER C 223 0.08 -24.61 -14.92
N TYR C 224 0.26 -23.29 -15.16
CA TYR C 224 1.30 -22.78 -16.05
C TYR C 224 2.70 -23.33 -15.71
N LEU C 225 3.09 -23.25 -14.42
CA LEU C 225 4.38 -23.71 -13.92
C LEU C 225 4.63 -25.20 -14.15
N THR C 226 3.55 -26.03 -14.11
CA THR C 226 3.68 -27.46 -14.39
C THR C 226 3.97 -27.68 -15.89
N TYR C 227 3.33 -26.90 -16.79
CA TYR C 227 3.58 -27.00 -18.23
C TYR C 227 4.97 -26.43 -18.57
N ALA C 228 5.37 -25.32 -17.91
CA ALA C 228 6.67 -24.67 -18.14
C ALA C 228 7.83 -25.59 -17.76
N LYS C 229 7.62 -26.48 -16.76
CA LYS C 229 8.57 -27.49 -16.27
C LYS C 229 8.95 -28.51 -17.39
N MET C 230 8.01 -28.75 -18.33
CA MET C 230 8.20 -29.67 -19.45
C MET C 230 8.85 -29.00 -20.68
N ALA C 231 8.92 -27.64 -20.69
CA ALA C 231 9.53 -26.85 -21.77
C ALA C 231 11.05 -26.94 -21.71
N LYS C 232 11.74 -26.71 -22.84
CA LYS C 232 13.21 -26.74 -22.89
C LYS C 232 13.76 -25.32 -22.84
N ASN C 233 14.92 -25.15 -22.15
CA ASN C 233 15.64 -23.88 -22.01
C ASN C 233 14.71 -22.73 -21.59
N TYR C 234 13.69 -23.02 -20.75
CA TYR C 234 12.74 -21.99 -20.37
C TYR C 234 13.33 -21.07 -19.31
N LYS C 235 13.33 -19.76 -19.60
CA LYS C 235 13.81 -18.70 -18.71
C LYS C 235 12.63 -17.77 -18.39
N PRO C 236 12.07 -17.86 -17.16
CA PRO C 236 10.89 -17.01 -16.82
C PRO C 236 11.09 -15.51 -16.98
N GLU C 237 12.36 -15.02 -16.89
CA GLU C 237 12.72 -13.59 -17.04
C GLU C 237 12.43 -13.07 -18.44
N ASN C 238 12.38 -13.96 -19.43
CA ASN C 238 12.13 -13.57 -20.81
C ASN C 238 10.66 -13.66 -21.20
N THR C 239 9.78 -13.89 -20.22
CA THR C 239 8.35 -13.92 -20.51
C THR C 239 7.69 -12.61 -20.05
N LEU C 240 6.74 -12.08 -20.86
CA LEU C 240 5.93 -10.97 -20.42
C LEU C 240 4.64 -11.60 -19.92
N PHE C 241 4.37 -11.47 -18.61
CA PHE C 241 3.14 -11.99 -18.05
C PHE C 241 2.08 -10.92 -18.00
N THR C 242 0.84 -11.29 -18.33
CA THR C 242 -0.27 -10.33 -18.25
C THR C 242 -1.23 -10.91 -17.26
N LEU C 243 -1.83 -10.04 -16.43
CA LEU C 243 -2.81 -10.51 -15.47
C LEU C 243 -3.93 -9.49 -15.31
N GLU C 244 -5.17 -9.94 -15.54
CA GLU C 244 -6.40 -9.16 -15.32
C GLU C 244 -7.40 -10.10 -14.68
N PHE C 245 -7.94 -9.75 -13.52
CA PHE C 245 -8.87 -10.66 -12.86
C PHE C 245 -9.79 -9.93 -11.91
N GLY C 246 -10.96 -10.54 -11.62
CA GLY C 246 -11.93 -10.03 -10.65
C GLY C 246 -13.33 -9.79 -11.14
N LEU C 247 -13.47 -9.32 -12.39
CA LEU C 247 -14.78 -9.00 -13.01
C LEU C 247 -15.75 -10.20 -13.03
N ASN C 248 -15.34 -11.35 -13.62
CA ASN C 248 -16.18 -12.56 -13.64
C ASN C 248 -16.52 -13.05 -12.23
N ASP C 249 -15.55 -12.99 -11.28
CA ASP C 249 -15.72 -13.40 -9.88
C ASP C 249 -16.76 -12.54 -9.16
N PHE C 250 -16.69 -11.21 -9.35
CA PHE C 250 -17.64 -10.28 -8.73
C PHE C 250 -19.04 -10.38 -9.30
N MET C 251 -19.15 -10.58 -10.62
CA MET C 251 -20.43 -10.58 -11.29
C MET C 251 -21.14 -11.93 -11.42
N ASN C 252 -20.41 -13.04 -11.62
CA ASN C 252 -21.06 -14.33 -11.82
C ASN C 252 -20.95 -15.28 -10.65
N TYR C 253 -19.95 -15.08 -9.77
CA TYR C 253 -19.78 -15.96 -8.63
C TYR C 253 -20.04 -15.27 -7.30
N ASN C 254 -20.52 -14.01 -7.33
CA ASN C 254 -20.84 -13.19 -6.15
C ASN C 254 -19.70 -13.26 -5.09
N ARG C 255 -18.45 -13.23 -5.58
CA ARG C 255 -17.26 -13.33 -4.74
C ARG C 255 -17.04 -12.09 -3.91
N GLU C 256 -16.57 -12.29 -2.69
CA GLU C 256 -16.23 -11.21 -1.77
C GLU C 256 -14.84 -10.68 -2.17
N VAL C 257 -14.64 -9.38 -2.00
CA VAL C 257 -13.38 -8.70 -2.30
C VAL C 257 -12.17 -9.39 -1.60
N VAL C 258 -12.34 -9.78 -0.33
CA VAL C 258 -11.28 -10.42 0.47
C VAL C 258 -10.73 -11.71 -0.17
N ASP C 259 -11.62 -12.49 -0.78
CA ASP C 259 -11.30 -13.75 -1.44
C ASP C 259 -10.60 -13.53 -2.78
N VAL C 260 -11.04 -12.52 -3.53
CA VAL C 260 -10.43 -12.13 -4.80
C VAL C 260 -9.01 -11.54 -4.52
N LYS C 261 -8.86 -10.71 -3.46
CA LYS C 261 -7.57 -10.15 -3.00
C LYS C 261 -6.58 -11.26 -2.68
N THR C 262 -7.01 -12.28 -1.92
CA THR C 262 -6.21 -13.44 -1.52
C THR C 262 -5.72 -14.23 -2.71
N ASP C 263 -6.62 -14.53 -3.66
CA ASP C 263 -6.32 -15.29 -4.85
C ASP C 263 -5.32 -14.53 -5.73
N PHE C 264 -5.60 -13.26 -6.01
CA PHE C 264 -4.77 -12.36 -6.82
C PHE C 264 -3.36 -12.22 -6.20
N SER C 265 -3.30 -11.88 -4.91
CA SER C 265 -2.05 -11.73 -4.15
C SER C 265 -1.18 -13.04 -4.19
N THR C 266 -1.80 -14.19 -3.95
CA THR C 266 -1.17 -15.52 -3.92
C THR C 266 -0.63 -15.90 -5.29
N ALA C 267 -1.40 -15.60 -6.37
CA ALA C 267 -0.99 -15.81 -7.74
C ALA C 267 0.32 -15.04 -8.02
N LEU C 268 0.41 -13.74 -7.60
CA LEU C 268 1.60 -12.92 -7.84
C LEU C 268 2.80 -13.38 -7.01
N ILE C 269 2.54 -13.85 -5.79
CA ILE C 269 3.57 -14.42 -4.92
C ILE C 269 4.18 -15.65 -5.61
N LYS C 270 3.35 -16.59 -6.10
CA LYS C 270 3.80 -17.80 -6.81
C LYS C 270 4.56 -17.47 -8.09
N LEU C 271 4.00 -16.56 -8.89
CA LEU C 271 4.58 -16.14 -10.15
C LEU C 271 5.97 -15.51 -9.99
N THR C 272 6.11 -14.53 -9.08
CA THR C 272 7.41 -13.89 -8.82
C THR C 272 8.40 -14.86 -8.15
N ASP C 273 7.91 -15.71 -7.22
CA ASP C 273 8.76 -16.72 -6.60
C ASP C 273 9.33 -17.69 -7.67
N ALA C 274 8.56 -17.97 -8.74
CA ALA C 274 9.02 -18.86 -9.81
C ALA C 274 9.98 -18.18 -10.82
N GLY C 275 10.34 -16.91 -10.60
CA GLY C 275 11.28 -16.21 -11.45
C GLY C 275 10.71 -15.21 -12.43
N ALA C 276 9.39 -14.89 -12.35
CA ALA C 276 8.81 -13.86 -13.22
C ALA C 276 9.43 -12.49 -12.90
N LYS C 277 9.66 -11.65 -13.92
CA LYS C 277 10.27 -10.33 -13.75
C LYS C 277 9.43 -9.24 -14.40
N ASN C 278 8.79 -9.56 -15.52
CA ASN C 278 8.04 -8.62 -16.35
C ASN C 278 6.57 -8.94 -16.31
N ILE C 279 5.81 -8.09 -15.61
CA ILE C 279 4.38 -8.31 -15.40
C ILE C 279 3.57 -7.06 -15.73
N MET C 280 2.48 -7.27 -16.45
CA MET C 280 1.55 -6.23 -16.86
C MET C 280 0.28 -6.44 -16.07
N LEU C 281 -0.11 -5.45 -15.27
CA LEU C 281 -1.31 -5.49 -14.44
C LEU C 281 -2.28 -4.45 -14.91
N MET C 282 -3.57 -4.63 -14.61
CA MET C 282 -4.57 -3.64 -14.99
C MET C 282 -5.75 -3.54 -14.08
N THR C 283 -6.26 -2.32 -13.97
CA THR C 283 -7.45 -2.02 -13.18
C THR C 283 -8.66 -2.54 -13.94
N LEU C 284 -9.71 -2.85 -13.19
CA LEU C 284 -10.94 -3.36 -13.76
C LEU C 284 -11.84 -2.26 -14.24
N PRO C 285 -12.33 -2.35 -15.49
CA PRO C 285 -13.33 -1.38 -15.97
C PRO C 285 -14.62 -1.50 -15.16
N ASP C 286 -15.37 -0.41 -15.00
CA ASP C 286 -16.61 -0.47 -14.23
C ASP C 286 -17.69 -1.15 -15.07
N ALA C 287 -17.92 -2.44 -14.79
CA ALA C 287 -18.89 -3.26 -15.50
C ALA C 287 -20.33 -2.73 -15.37
N THR C 288 -20.61 -1.87 -14.36
CA THR C 288 -21.95 -1.30 -14.16
C THR C 288 -22.30 -0.25 -15.25
N LYS C 289 -21.29 0.15 -16.07
CA LYS C 289 -21.48 1.05 -17.21
C LYS C 289 -21.95 0.25 -18.46
N ALA C 290 -21.93 -1.10 -18.40
CA ALA C 290 -22.37 -1.97 -19.50
C ALA C 290 -23.93 -2.01 -19.68
N PRO C 291 -24.45 -2.37 -20.90
CA PRO C 291 -25.93 -2.39 -21.10
C PRO C 291 -26.72 -3.29 -20.16
N GLN C 292 -26.08 -4.32 -19.57
CA GLN C 292 -26.74 -5.22 -18.61
C GLN C 292 -27.35 -4.47 -17.42
N PHE C 293 -26.72 -3.36 -16.98
CA PHE C 293 -27.12 -2.55 -15.83
C PHE C 293 -28.03 -1.37 -16.14
N LYS C 294 -28.43 -1.23 -17.41
CA LYS C 294 -29.29 -0.16 -17.89
C LYS C 294 -30.57 -0.04 -17.07
N TYR C 295 -31.21 -1.19 -16.73
CA TYR C 295 -32.44 -1.22 -15.97
C TYR C 295 -32.28 -1.62 -14.50
N SER C 296 -31.04 -1.72 -14.01
CA SER C 296 -30.73 -2.12 -12.64
C SER C 296 -31.03 -1.03 -11.61
N THR C 297 -31.30 -1.46 -10.36
CA THR C 297 -31.50 -0.49 -9.28
C THR C 297 -30.16 0.11 -8.88
N GLN C 298 -30.19 1.25 -8.20
CA GLN C 298 -28.96 1.86 -7.71
C GLN C 298 -28.24 0.94 -6.70
N ALA C 299 -29.03 0.22 -5.86
CA ALA C 299 -28.51 -0.73 -4.87
C ALA C 299 -27.67 -1.85 -5.56
N GLU C 300 -28.17 -2.38 -6.70
CA GLU C 300 -27.45 -3.43 -7.46
C GLU C 300 -26.19 -2.88 -8.14
N ILE C 301 -26.28 -1.68 -8.73
CA ILE C 301 -25.15 -0.99 -9.35
C ILE C 301 -24.05 -0.72 -8.30
N GLU C 302 -24.42 -0.08 -7.17
CA GLU C 302 -23.55 0.28 -6.04
C GLU C 302 -22.80 -0.92 -5.46
N LYS C 303 -23.47 -2.07 -5.29
CA LYS C 303 -22.89 -3.30 -4.76
C LYS C 303 -21.72 -3.81 -5.65
N VAL C 304 -21.90 -3.81 -6.98
CA VAL C 304 -20.86 -4.27 -7.91
C VAL C 304 -19.76 -3.20 -8.04
N ARG C 305 -20.15 -1.91 -8.20
CA ARG C 305 -19.22 -0.79 -8.33
C ARG C 305 -18.30 -0.66 -7.13
N ALA C 306 -18.84 -0.80 -5.90
CA ALA C 306 -18.05 -0.71 -4.65
C ALA C 306 -16.93 -1.74 -4.66
N LYS C 307 -17.23 -2.97 -5.12
CA LYS C 307 -16.26 -4.08 -5.19
C LYS C 307 -15.14 -3.76 -6.17
N ILE C 308 -15.49 -3.23 -7.37
CA ILE C 308 -14.52 -2.86 -8.42
C ILE C 308 -13.58 -1.76 -7.93
N VAL C 309 -14.14 -0.69 -7.35
CA VAL C 309 -13.42 0.48 -6.85
C VAL C 309 -12.42 0.07 -5.77
N GLU C 310 -12.87 -0.75 -4.80
CA GLU C 310 -12.04 -1.24 -3.71
C GLU C 310 -10.91 -2.14 -4.27
N PHE C 311 -11.28 -3.07 -5.17
CA PHE C 311 -10.32 -3.96 -5.78
C PHE C 311 -9.30 -3.22 -6.64
N ASN C 312 -9.71 -2.14 -7.32
CA ASN C 312 -8.80 -1.33 -8.15
C ASN C 312 -7.72 -0.64 -7.34
N GLU C 313 -8.04 -0.16 -6.12
CA GLU C 313 -7.06 0.46 -5.22
C GLU C 313 -6.06 -0.59 -4.75
N PHE C 314 -6.53 -1.81 -4.53
CA PHE C 314 -5.69 -2.94 -4.11
C PHE C 314 -4.71 -3.31 -5.24
N ILE C 315 -5.19 -3.35 -6.50
CA ILE C 315 -4.38 -3.66 -7.70
C ILE C 315 -3.24 -2.65 -7.84
N LYS C 316 -3.54 -1.35 -7.68
CA LYS C 316 -2.55 -0.27 -7.73
C LYS C 316 -1.47 -0.45 -6.65
N ALA C 317 -1.89 -0.80 -5.42
CA ALA C 317 -0.96 -0.97 -4.29
C ALA C 317 -0.11 -2.22 -4.50
N GLN C 318 -0.68 -3.26 -5.17
CA GLN C 318 0.02 -4.51 -5.49
C GLN C 318 1.11 -4.22 -6.49
N ALA C 319 0.83 -3.36 -7.49
CA ALA C 319 1.80 -2.96 -8.50
C ALA C 319 2.96 -2.22 -7.84
N ALA C 320 2.67 -1.26 -6.95
CA ALA C 320 3.70 -0.52 -6.21
C ALA C 320 4.56 -1.47 -5.35
N PHE C 321 3.91 -2.45 -4.70
CA PHE C 321 4.56 -3.45 -3.86
C PHE C 321 5.59 -4.29 -4.65
N TYR C 322 5.31 -4.63 -5.93
CA TYR C 322 6.30 -5.37 -6.71
C TYR C 322 7.39 -4.46 -7.31
N ILE C 323 7.06 -3.18 -7.65
CA ILE C 323 8.05 -2.22 -8.16
C ILE C 323 9.15 -2.00 -7.13
N ILE C 324 8.75 -1.84 -5.84
CA ILE C 324 9.72 -1.53 -4.77
C ILE C 324 10.59 -2.72 -4.44
N GLN C 325 10.21 -3.92 -4.91
CA GLN C 325 11.03 -5.14 -4.76
C GLN C 325 11.93 -5.37 -5.99
N GLY C 326 11.88 -4.49 -6.98
CA GLY C 326 12.73 -4.55 -8.16
C GLY C 326 12.14 -5.22 -9.38
N TYR C 327 10.83 -5.48 -9.36
CA TYR C 327 10.17 -6.13 -10.50
C TYR C 327 9.81 -5.13 -11.61
N ASN C 328 9.78 -5.61 -12.87
CA ASN C 328 9.43 -4.79 -14.05
C ASN C 328 7.91 -4.79 -14.26
N ILE C 329 7.26 -3.78 -13.67
CA ILE C 329 5.80 -3.72 -13.61
C ILE C 329 5.21 -2.57 -14.39
N THR C 330 4.18 -2.87 -15.16
CA THR C 330 3.38 -1.87 -15.82
C THR C 330 1.98 -2.03 -15.31
N LEU C 331 1.37 -0.94 -14.88
CA LEU C 331 -0.02 -0.94 -14.45
C LEU C 331 -0.81 -0.07 -15.45
N TYR C 332 -1.77 -0.66 -16.15
CA TYR C 332 -2.60 0.08 -17.07
C TYR C 332 -3.90 0.49 -16.41
N ASP C 333 -4.26 1.74 -16.54
CA ASP C 333 -5.54 2.15 -15.99
C ASP C 333 -6.63 1.86 -17.00
N THR C 334 -7.03 0.59 -17.13
CA THR C 334 -8.12 0.23 -18.03
C THR C 334 -9.44 0.75 -17.53
N HIS C 335 -9.59 0.94 -16.19
CA HIS C 335 -10.79 1.53 -15.61
C HIS C 335 -11.05 2.92 -16.24
N GLY C 336 -10.03 3.78 -16.22
CA GLY C 336 -10.07 5.14 -16.75
C GLY C 336 -10.29 5.17 -18.25
N LEU C 337 -9.57 4.30 -19.00
CA LEU C 337 -9.67 4.18 -20.45
C LEU C 337 -11.10 3.83 -20.86
N PHE C 338 -11.74 2.93 -20.11
CA PHE C 338 -13.10 2.49 -20.36
C PHE C 338 -14.13 3.56 -20.00
N GLU C 339 -13.88 4.35 -18.94
CA GLU C 339 -14.77 5.46 -18.55
C GLU C 339 -14.84 6.49 -19.68
N GLN C 340 -13.67 6.81 -20.23
CA GLN C 340 -13.49 7.79 -21.29
C GLN C 340 -14.24 7.36 -22.56
N LEU C 341 -14.12 6.07 -22.90
CA LEU C 341 -14.75 5.40 -24.02
C LEU C 341 -16.29 5.39 -23.92
N THR C 342 -16.84 4.95 -22.77
CA THR C 342 -18.29 4.88 -22.60
C THR C 342 -18.97 6.24 -22.50
N GLN C 343 -18.26 7.24 -21.95
CA GLN C 343 -18.82 8.57 -21.80
C GLN C 343 -18.68 9.39 -23.10
N ASN C 344 -17.64 9.10 -23.90
CA ASN C 344 -17.36 9.87 -25.10
C ASN C 344 -17.05 8.94 -26.29
N PRO C 345 -17.98 8.06 -26.72
CA PRO C 345 -17.61 7.09 -27.78
C PRO C 345 -17.21 7.68 -29.13
N GLN C 346 -17.91 8.74 -29.59
CA GLN C 346 -17.71 9.38 -30.89
C GLN C 346 -16.32 9.93 -31.09
N GLN C 347 -15.72 10.46 -30.00
CA GLN C 347 -14.38 11.04 -30.00
C GLN C 347 -13.32 9.94 -30.14
N HIS C 348 -13.68 8.66 -29.89
CA HIS C 348 -12.79 7.49 -29.98
C HIS C 348 -13.11 6.57 -31.16
N GLY C 349 -14.00 7.00 -32.05
CA GLY C 349 -14.42 6.26 -33.25
C GLY C 349 -15.61 5.34 -33.13
N PHE C 350 -16.37 5.41 -32.00
CA PHE C 350 -17.54 4.54 -31.76
C PHE C 350 -18.85 5.35 -31.84
N VAL C 351 -19.95 4.75 -32.32
CA VAL C 351 -21.26 5.45 -32.39
C VAL C 351 -22.11 5.10 -31.21
N ASN C 352 -21.85 3.94 -30.62
CA ASN C 352 -22.71 3.44 -29.58
C ASN C 352 -21.93 2.75 -28.47
N ALA C 353 -22.15 3.22 -27.23
CA ALA C 353 -21.58 2.66 -26.03
C ALA C 353 -22.72 2.33 -25.03
N SER C 354 -23.98 2.28 -25.50
CA SER C 354 -25.11 2.05 -24.59
C SER C 354 -25.94 0.80 -24.88
N ASP C 355 -25.78 0.19 -26.05
CA ASP C 355 -26.54 -1.00 -26.41
C ASP C 355 -25.63 -2.13 -26.81
N ALA C 356 -26.13 -3.36 -26.64
CA ALA C 356 -25.48 -4.56 -27.11
C ALA C 356 -25.63 -4.49 -28.62
N CYS C 357 -24.61 -4.93 -29.36
CA CYS C 357 -24.68 -4.98 -30.80
C CYS C 357 -25.62 -6.12 -31.21
N LEU C 358 -25.62 -7.20 -30.42
CA LEU C 358 -26.48 -8.37 -30.61
C LEU C 358 -27.90 -8.06 -30.17
N ASN C 359 -28.85 -8.72 -30.83
CA ASN C 359 -30.27 -8.61 -30.54
C ASN C 359 -30.64 -9.56 -29.41
N ILE C 360 -30.60 -9.08 -28.18
CA ILE C 360 -30.90 -9.84 -26.97
C ILE C 360 -31.88 -9.12 -26.07
N SER C 365 -29.59 -10.11 -18.24
CA SER C 365 -29.26 -11.53 -18.34
C SER C 365 -28.44 -11.85 -19.61
N ALA C 366 -27.24 -12.42 -19.41
CA ALA C 366 -26.30 -12.76 -20.48
C ALA C 366 -26.28 -14.25 -20.80
N ASP C 367 -26.41 -14.58 -22.08
CA ASP C 367 -26.40 -15.94 -22.57
C ASP C 367 -25.25 -16.13 -23.57
N TYR C 368 -24.49 -17.19 -23.38
CA TYR C 368 -23.36 -17.56 -24.22
C TYR C 368 -23.59 -18.87 -24.92
N LEU C 369 -24.72 -19.56 -24.64
CA LEU C 369 -25.03 -20.86 -25.25
C LEU C 369 -25.73 -20.78 -26.58
N TYR C 370 -26.61 -19.79 -26.74
CA TYR C 370 -27.39 -19.65 -27.97
C TYR C 370 -26.80 -18.67 -28.97
N SER C 371 -27.27 -18.79 -30.21
CA SER C 371 -26.86 -17.93 -31.29
C SER C 371 -27.77 -16.68 -31.31
N HIS C 372 -27.19 -15.51 -31.58
CA HIS C 372 -27.96 -14.28 -31.67
C HIS C 372 -27.56 -13.52 -32.92
N SER C 373 -28.50 -12.80 -33.51
CA SER C 373 -28.28 -11.95 -34.68
C SER C 373 -27.96 -10.54 -34.20
N LEU C 374 -27.40 -9.72 -35.08
CA LEU C 374 -27.12 -8.32 -34.80
C LEU C 374 -28.44 -7.58 -34.92
N THR C 375 -28.62 -6.48 -34.17
CA THR C 375 -29.79 -5.65 -34.31
C THR C 375 -29.63 -4.95 -35.68
N ASN C 376 -30.69 -4.33 -36.19
CA ASN C 376 -30.62 -3.62 -37.45
C ASN C 376 -29.66 -2.42 -37.31
N GLU C 377 -29.71 -1.73 -36.16
CA GLU C 377 -28.89 -0.58 -35.81
C GLU C 377 -27.40 -0.95 -35.84
N CYS C 378 -27.03 -2.12 -35.27
CA CYS C 378 -25.64 -2.53 -35.31
C CYS C 378 -25.18 -2.91 -36.72
N ALA C 379 -26.02 -3.60 -37.49
CA ALA C 379 -25.71 -4.00 -38.87
C ALA C 379 -25.48 -2.75 -39.74
N THR C 380 -26.24 -1.65 -39.47
CA THR C 380 -26.16 -0.35 -40.14
C THR C 380 -24.80 0.34 -39.90
N HIS C 381 -24.38 0.48 -38.64
CA HIS C 381 -23.12 1.15 -38.28
C HIS C 381 -21.87 0.27 -38.27
N SER C 382 -22.06 -1.08 -38.18
CA SER C 382 -21.05 -2.16 -38.07
C SER C 382 -20.67 -2.38 -36.61
N SER C 383 -20.22 -3.61 -36.26
CA SER C 383 -19.80 -3.93 -34.88
C SER C 383 -18.50 -3.23 -34.52
N ASP C 384 -17.76 -2.74 -35.52
CA ASP C 384 -16.52 -1.99 -35.27
C ASP C 384 -16.77 -0.61 -34.70
N LYS C 385 -18.03 -0.16 -34.68
CA LYS C 385 -18.41 1.14 -34.15
C LYS C 385 -19.24 1.00 -32.87
N TYR C 386 -19.30 -0.22 -32.33
CA TYR C 386 -20.00 -0.49 -31.07
C TYR C 386 -19.01 -0.87 -30.01
N VAL C 387 -19.29 -0.42 -28.78
CA VAL C 387 -18.44 -0.77 -27.65
C VAL C 387 -18.78 -2.20 -27.20
N PHE C 388 -20.07 -2.53 -27.13
CA PHE C 388 -20.54 -3.81 -26.61
C PHE C 388 -21.04 -4.78 -27.67
N TRP C 389 -20.62 -6.04 -27.55
CA TRP C 389 -21.04 -7.12 -28.44
C TRP C 389 -22.38 -7.62 -27.88
N ASN C 390 -22.36 -8.15 -26.64
CA ASN C 390 -23.58 -8.53 -25.92
C ASN C 390 -23.80 -7.47 -24.83
N VAL C 391 -24.62 -7.76 -23.82
CA VAL C 391 -24.91 -6.82 -22.73
C VAL C 391 -23.72 -6.56 -21.78
N THR C 392 -22.62 -7.33 -21.86
CA THR C 392 -21.48 -7.09 -20.92
C THR C 392 -20.11 -7.06 -21.60
N HIS C 393 -19.88 -7.97 -22.56
CA HIS C 393 -18.58 -8.09 -23.20
C HIS C 393 -18.39 -7.12 -24.37
N PRO C 394 -17.21 -6.45 -24.40
CA PRO C 394 -16.93 -5.52 -25.49
C PRO C 394 -16.60 -6.18 -26.83
N THR C 395 -16.70 -5.41 -27.92
CA THR C 395 -16.40 -5.88 -29.27
C THR C 395 -14.86 -5.96 -29.44
N THR C 396 -14.41 -6.60 -30.54
CA THR C 396 -12.99 -6.75 -30.83
C THR C 396 -12.36 -5.36 -31.12
N ALA C 397 -13.16 -4.39 -31.63
CA ALA C 397 -12.71 -3.02 -31.90
C ALA C 397 -12.29 -2.34 -30.60
N VAL C 398 -12.97 -2.67 -29.47
CA VAL C 398 -12.63 -2.16 -28.14
C VAL C 398 -11.31 -2.78 -27.66
N HIS C 399 -11.17 -4.11 -27.84
CA HIS C 399 -9.94 -4.83 -27.48
C HIS C 399 -8.75 -4.25 -28.26
N LYS C 400 -8.95 -3.94 -29.57
CA LYS C 400 -7.94 -3.36 -30.44
C LYS C 400 -7.58 -1.96 -29.93
N TYR C 401 -8.61 -1.14 -29.65
CA TYR C 401 -8.49 0.21 -29.13
C TYR C 401 -7.68 0.20 -27.82
N ILE C 402 -7.95 -0.73 -26.89
CA ILE C 402 -7.24 -0.87 -25.60
C ILE C 402 -5.78 -1.20 -25.84
N ALA C 403 -5.49 -2.21 -26.69
CA ALA C 403 -4.14 -2.64 -27.07
C ALA C 403 -3.34 -1.48 -27.67
N GLU C 404 -3.99 -0.66 -28.56
CA GLU C 404 -3.34 0.51 -29.18
C GLU C 404 -2.95 1.54 -28.12
N LYS C 405 -3.82 1.76 -27.12
CA LYS C 405 -3.52 2.69 -26.03
C LYS C 405 -2.33 2.20 -25.20
N MET C 406 -2.29 0.90 -24.92
CA MET C 406 -1.20 0.26 -24.17
C MET C 406 0.11 0.28 -24.91
N LEU C 407 0.07 0.15 -26.26
CA LEU C 407 1.26 0.09 -27.13
C LEU C 407 1.80 1.46 -27.51
N ALA C 408 1.09 2.53 -27.14
CA ALA C 408 1.46 3.89 -27.52
C ALA C 408 2.79 4.36 -26.90
N PRO C 409 3.61 5.17 -27.60
CA PRO C 409 4.87 5.64 -27.01
C PRO C 409 4.71 6.25 -25.61
N GLY C 410 5.50 5.74 -24.66
CA GLY C 410 5.53 6.17 -23.26
C GLY C 410 4.34 5.75 -22.41
N ALA C 411 3.47 4.86 -22.93
CA ALA C 411 2.27 4.40 -22.21
C ALA C 411 2.53 3.27 -21.20
N GLY C 412 3.74 2.68 -21.24
CA GLY C 412 4.11 1.59 -20.35
C GLY C 412 4.99 0.49 -20.92
N MET C 413 4.84 0.14 -22.22
CA MET C 413 5.63 -0.93 -22.88
C MET C 413 7.12 -0.64 -22.89
N GLN C 414 7.52 0.65 -22.80
CA GLN C 414 8.92 1.09 -22.78
C GLN C 414 9.74 0.48 -21.64
N ARG C 415 9.08 -0.07 -20.61
CA ARG C 415 9.73 -0.74 -19.47
C ARG C 415 10.21 -2.13 -19.92
N PHE C 416 9.55 -2.73 -20.93
CA PHE C 416 9.90 -4.06 -21.42
C PHE C 416 10.72 -3.99 -22.70
N ASN C 417 11.81 -4.74 -22.72
CA ASN C 417 12.73 -4.87 -23.84
C ASN C 417 12.30 -6.09 -24.67
N PHE C 418 11.67 -5.86 -25.83
CA PHE C 418 11.16 -6.88 -26.75
C PHE C 418 12.16 -7.17 -27.85
N HIS C 419 12.28 -8.45 -28.27
CA HIS C 419 13.21 -8.92 -29.33
C HIS C 419 13.29 -8.04 -30.59
O1 P6G D . -1.52 19.13 -3.15
C2 P6G D . -2.54 19.65 -2.32
C3 P6G D . -3.14 20.90 -2.89
O4 P6G D . -4.42 21.12 -2.30
C5 P6G D . -5.11 22.23 -2.87
C6 P6G D . -6.33 21.77 -3.63
O7 P6G D . -5.93 21.01 -4.76
C8 P6G D . -6.61 21.37 -5.96
C9 P6G D . -5.63 21.36 -7.10
O10 P6G D . -6.26 21.60 -8.35
C11 P6G D . -5.74 22.76 -8.98
C12 P6G D . -5.02 22.48 -10.26
O13 P6G D . -4.24 23.64 -10.57
C14 P6G D . -3.49 23.54 -11.77
C15 P6G D . -2.62 24.75 -11.94
O16 P6G D . -2.15 24.86 -13.28
C17 P6G D . -1.66 26.16 -13.58
C18 P6G D . -2.64 26.87 -14.48
O19 P6G D . -2.23 28.21 -14.74
N1 1PS E . 14.42 31.22 -1.26
C1 1PS E . 13.34 30.58 -0.76
C2 1PS E . 12.93 30.83 0.54
C3 1PS E . 15.10 32.12 -0.53
C4 1PS E . 14.75 32.36 0.79
C5 1PS E . 13.65 31.71 1.33
C6 1PS E . 14.94 30.82 -2.59
C7 1PS E . 14.25 31.56 -3.71
C8 1PS E . 14.59 30.94 -5.04
S1 1PS E . 13.48 31.42 -6.35
O1 1PS E . 13.97 30.77 -7.54
O2 1PS E . 12.16 30.96 -5.94
O3 1PS E . 13.56 32.87 -6.44
N1 1PS F . 8.39 46.91 -3.30
C1 1PS F . 9.39 46.10 -2.92
C2 1PS F . 9.83 45.07 -3.75
C3 1PS F . 7.79 46.74 -4.51
C4 1PS F . 8.19 45.73 -5.36
C5 1PS F . 9.21 44.88 -4.97
C6 1PS F . 7.86 47.91 -2.35
C7 1PS F . 7.45 49.20 -3.03
C8 1PS F . 7.27 50.35 -2.04
S1 1PS F . 7.99 51.87 -2.58
O1 1PS F . 9.43 51.68 -2.54
O2 1PS F . 7.50 52.11 -3.92
O3 1PS F . 7.54 52.89 -1.64
N1 1PS G . 19.82 42.75 2.33
C1 1PS G . 19.66 43.67 3.30
C2 1PS G . 20.72 44.06 4.09
C3 1PS G . 21.03 42.16 2.14
C4 1PS G . 22.11 42.52 2.91
C5 1PS G . 21.96 43.48 3.89
C6 1PS G . 18.71 42.46 1.39
C7 1PS G . 18.83 43.27 0.11
C8 1PS G . 17.61 43.14 -0.78
S1 1PS G . 16.37 44.37 -0.48
O1 1PS G . 16.53 45.39 -1.50
O2 1PS G . 15.09 43.69 -0.56
O3 1PS G . 16.64 44.89 0.87
O1 P6G H . 10.07 -11.60 17.72
C2 P6G H . 10.23 -11.22 19.08
C3 P6G H . 11.54 -10.55 19.32
O4 P6G H . 12.16 -11.07 20.49
C5 P6G H . 12.94 -12.25 20.25
C6 P6G H . 14.36 -11.95 19.84
O7 P6G H . 14.81 -13.00 19.00
C8 P6G H . 15.99 -13.62 19.48
C9 P6G H . 16.50 -14.63 18.49
O10 P6G H . 15.70 -15.80 18.50
C11 P6G H . 15.76 -16.50 17.26
C12 P6G H . 15.55 -17.96 17.46
O13 P6G H . 14.30 -18.23 18.10
C14 P6G H . 13.49 -19.15 17.38
C15 P6G H . 13.81 -20.56 17.77
O16 P6G H . 13.16 -21.50 16.91
C17 P6G H . 12.67 -22.64 17.61
C18 P6G H . 13.70 -23.75 17.56
O19 P6G H . 13.35 -24.83 18.43
N1 1PS I . -7.30 -19.36 21.74
C1 1PS I . -6.29 -18.50 22.06
C2 1PS I . -6.46 -17.59 23.09
C3 1PS I . -8.45 -19.36 22.43
C4 1PS I . -8.66 -18.44 23.46
C5 1PS I . -7.65 -17.56 23.78
C6 1PS I . -7.17 -20.20 20.52
C7 1PS I . -6.22 -21.36 20.72
C8 1PS I . -5.82 -22.01 19.41
S1 1PS I . -4.49 -23.17 19.59
O1 1PS I . -4.22 -23.68 18.25
O2 1PS I . -3.37 -22.42 20.14
O3 1PS I . -4.97 -24.21 20.49
N1 1PS J . -3.97 -29.08 35.34
C1 1PS J . -4.94 -28.42 34.66
C2 1PS J . -5.00 -28.51 33.29
C3 1PS J . -3.04 -29.82 34.69
C4 1PS J . -3.07 -29.93 33.31
C5 1PS J . -4.07 -29.27 32.60
C6 1PS J . -3.91 -28.98 36.82
C7 1PS J . -4.42 -30.24 37.49
C8 1PS J . -4.48 -30.11 39.00
S1 1PS J . -5.01 -31.62 39.80
O1 1PS J . -4.17 -32.68 39.24
O2 1PS J . -4.79 -31.42 41.22
O3 1PS J . -6.41 -31.78 39.46
O1 P6G K . -9.19 -5.74 -18.35
C2 P6G K . -9.36 -6.35 -19.63
C3 P6G K . -9.11 -5.40 -20.77
O4 P6G K . -10.13 -5.55 -21.75
C5 P6G K . -10.82 -4.33 -22.03
C6 P6G K . -12.30 -4.59 -22.10
O7 P6G K . -13.04 -3.81 -21.14
C8 P6G K . -13.98 -4.61 -20.42
C9 P6G K . -15.34 -3.95 -20.35
O10 P6G K . -16.23 -4.53 -19.38
C11 P6G K . -16.25 -5.96 -19.37
C12 P6G K . -17.26 -6.50 -18.43
O13 P6G K . -17.15 -7.93 -18.41
C14 P6G K . -17.98 -8.54 -17.44
C15 P6G K . -17.99 -10.02 -17.68
O16 P6G K . -18.65 -10.73 -16.60
C17 P6G K . -20.04 -11.00 -16.84
C18 P6G K . -20.19 -12.21 -17.73
O19 P6G K . -21.54 -12.50 -18.00
N1 1PS L . -3.67 -25.38 -20.91
C1 1PS L . -2.60 -26.06 -21.39
C2 1PS L . -1.75 -25.47 -22.31
C3 1PS L . -3.91 -24.11 -21.30
C4 1PS L . -3.09 -23.49 -22.22
C5 1PS L . -1.99 -24.17 -22.73
C6 1PS L . -4.64 -26.08 -20.02
C7 1PS L . -4.67 -25.51 -18.62
C8 1PS L . -5.91 -25.97 -17.84
S1 1PS L . -7.39 -25.12 -18.31
O1 1PS L . -7.75 -25.61 -19.62
O2 1PS L . -8.39 -25.45 -17.29
O3 1PS L . -7.06 -23.70 -18.32
N1 1PS M . -14.51 -31.50 -31.43
C1 1PS M . -15.53 -30.94 -30.75
C2 1PS M . -15.45 -30.77 -29.39
C3 1PS M . -13.38 -31.89 -30.80
C4 1PS M . -13.26 -31.73 -29.43
C5 1PS M . -14.31 -31.17 -28.72
C6 1PS M . -14.64 -31.73 -32.90
C7 1PS M . -15.63 -32.83 -33.22
C8 1PS M . -16.65 -32.39 -34.28
S1 1PS M . -16.07 -32.59 -35.95
O1 1PS M . -15.43 -33.89 -36.01
O2 1PS M . -17.25 -32.50 -36.80
O3 1PS M . -15.14 -31.48 -36.18
#